data_3M3N
#
_entry.id   3M3N
#
_cell.length_a   100.743
_cell.length_b   100.743
_cell.length_c   458.839
_cell.angle_alpha   90.00
_cell.angle_beta   90.00
_cell.angle_gamma   120.00
#
_symmetry.space_group_name_H-M   'P 65 2 2'
#
loop_
_entity.id
_entity.type
_entity.pdbx_description
1 polymer 'Actin, alpha skeletal muscle'
2 polymer 'Neural Wiskott-Aldrich syndrome protein'
3 non-polymer "ADENOSINE-5'-TRIPHOSPHATE"
4 non-polymer 'CALCIUM ION'
#
loop_
_entity_poly.entity_id
_entity_poly.type
_entity_poly.pdbx_seq_one_letter_code
_entity_poly.pdbx_strand_id
1 'polypeptide(L)'
;DEDETTALVCDNGSGLVKAGFAGDDAPRAVFPSIVGRPRHQGVMVGMGQKDSYVGDEAQSKRGILTLKYPIE(HIC)GII
TNWDDMEKIWHHTFYNELRVAPEEHPTLLTEAPLNPKANREKMTQIMFETFNVPAMYVAIQAVLSLYASGRTTGIVLDSG
DGVTHNVPIYEGYALPHAIMRLDLAGRDLTDYLMKILTERGYSFVTTAEREIVRDIKEKLCYVALDFENEMATAASSSSL
EKSYELPDGQVITIGNERFRCPETLFQPSFIGMESAGIHETTYNSIMKCDIDIRKDLYANNVMSGGTTMYPGIADRMQKE
ITALAPSTMKIKIIAPPERKYSVWIGGSILASLSTFQQMWITKQEYDEAGPSIVHRKCF
;
A,B
2 'polypeptide(L)'
;ACSGNKAALLDQIREGAQLKKVEQNSRPVSASGRDALLDQIRQGIQLKKVEQNSRPVSASGRDALLDQIRQGIQLKKTET
QEKNPLPSKETIEQEKQAGES
;
W
#
# COMPACT_ATOMS: atom_id res chain seq x y z
N ASP A 3 21.61 18.85 -14.78
CA ASP A 3 20.69 19.26 -15.83
C ASP A 3 19.68 20.32 -15.37
N GLU A 4 19.94 21.57 -15.78
CA GLU A 4 19.10 22.72 -15.47
C GLU A 4 19.10 23.64 -16.69
N THR A 5 17.97 24.32 -16.91
CA THR A 5 17.75 25.10 -18.15
C THR A 5 17.79 24.21 -19.40
N THR A 6 17.70 22.90 -19.20
CA THR A 6 17.64 21.95 -20.30
C THR A 6 16.20 21.56 -20.58
N ALA A 7 15.96 20.85 -21.68
CA ALA A 7 14.61 20.51 -22.09
C ALA A 7 14.10 19.22 -21.43
N LEU A 8 12.79 19.16 -21.22
CA LEU A 8 12.16 17.96 -20.66
C LEU A 8 11.36 17.23 -21.73
N VAL A 9 11.34 15.92 -21.61
CA VAL A 9 10.59 15.07 -22.53
C VAL A 9 9.63 14.23 -21.73
N CYS A 10 8.37 14.25 -22.12
CA CYS A 10 7.34 13.58 -21.36
C CYS A 10 6.38 12.83 -22.27
N ASP A 11 6.50 11.51 -22.28
CA ASP A 11 5.64 10.66 -23.11
C ASP A 11 4.62 9.94 -22.23
N ASN A 12 3.35 10.31 -22.37
CA ASN A 12 2.28 9.76 -21.53
C ASN A 12 1.53 8.61 -22.21
N GLY A 13 1.90 7.38 -21.87
CA GLY A 13 1.21 6.23 -22.41
C GLY A 13 -0.07 5.96 -21.64
N SER A 14 -0.89 5.05 -22.16
CA SER A 14 -2.13 4.66 -21.52
C SER A 14 -1.83 4.00 -20.20
N GLY A 15 -0.75 3.22 -20.16
CA GLY A 15 -0.39 2.47 -18.99
C GLY A 15 0.81 3.03 -18.27
N LEU A 16 1.77 3.53 -19.06
CA LEU A 16 3.05 3.97 -18.52
C LEU A 16 3.37 5.42 -18.89
N VAL A 17 3.91 6.15 -17.91
CA VAL A 17 4.49 7.45 -18.19
C VAL A 17 6.01 7.31 -18.29
N LYS A 18 6.59 7.87 -19.35
CA LYS A 18 8.04 7.91 -19.51
C LYS A 18 8.47 9.36 -19.49
N ALA A 19 9.43 9.71 -18.62
CA ALA A 19 9.87 11.09 -18.56
C ALA A 19 11.36 11.23 -18.27
N GLY A 20 11.96 12.29 -18.77
CA GLY A 20 13.37 12.51 -18.53
C GLY A 20 13.88 13.81 -19.10
N PHE A 21 15.16 13.84 -19.42
CA PHE A 21 15.80 15.04 -19.94
C PHE A 21 16.24 14.82 -21.37
N ALA A 22 16.04 15.83 -22.21
CA ALA A 22 16.51 15.79 -23.59
C ALA A 22 18.01 15.65 -23.62
N GLY A 23 18.52 14.81 -24.50
CA GLY A 23 19.93 14.51 -24.57
C GLY A 23 20.28 13.19 -23.90
N ASP A 24 19.39 12.70 -23.04
CA ASP A 24 19.63 11.44 -22.34
C ASP A 24 19.17 10.25 -23.18
N ASP A 25 19.85 9.12 -23.02
CA ASP A 25 19.62 7.97 -23.88
C ASP A 25 18.42 7.16 -23.42
N ALA A 26 17.80 7.60 -22.33
CA ALA A 26 16.68 6.87 -21.72
C ALA A 26 15.94 7.67 -20.66
N PRO A 27 14.65 7.32 -20.46
CA PRO A 27 13.78 7.89 -19.43
C PRO A 27 14.34 7.66 -18.03
N ARG A 28 14.56 8.73 -17.28
CA ARG A 28 14.95 8.58 -15.88
C ARG A 28 13.79 8.13 -15.03
N ALA A 29 12.57 8.28 -15.54
CA ALA A 29 11.38 7.98 -14.76
C ALA A 29 10.32 7.26 -15.57
N VAL A 30 9.99 6.05 -15.13
CA VAL A 30 8.93 5.27 -15.75
C VAL A 30 7.99 4.74 -14.66
N PHE A 31 6.79 5.28 -14.63
CA PHE A 31 5.85 4.94 -13.58
C PHE A 31 4.44 4.80 -14.11
N PRO A 32 3.63 3.95 -13.44
CA PRO A 32 2.26 3.69 -13.89
C PRO A 32 1.44 4.96 -14.03
N SER A 33 0.71 5.03 -15.13
CA SER A 33 -0.10 6.18 -15.48
C SER A 33 -1.44 6.08 -14.77
N ILE A 34 -1.43 6.15 -13.45
CA ILE A 34 -2.66 6.03 -12.69
C ILE A 34 -2.69 6.96 -11.48
N VAL A 35 -3.87 7.47 -11.16
CA VAL A 35 -4.06 8.37 -10.02
C VAL A 35 -5.14 7.86 -9.07
N GLY A 36 -4.85 7.83 -7.78
CA GLY A 36 -5.81 7.34 -6.81
C GLY A 36 -6.20 8.37 -5.77
N ARG A 37 -7.51 8.51 -5.55
CA ARG A 37 -7.98 9.44 -4.55
C ARG A 37 -8.66 8.66 -3.41
N PRO A 38 -8.67 9.23 -2.20
CA PRO A 38 -9.21 8.52 -1.03
C PRO A 38 -10.59 7.99 -1.37
N ARG A 39 -10.81 6.71 -1.17
CA ARG A 39 -12.09 6.10 -1.50
C ARG A 39 -13.21 6.66 -0.62
N HIS A 40 -12.87 7.01 0.62
CA HIS A 40 -13.85 7.56 1.57
C HIS A 40 -13.25 8.72 2.37
N GLN A 41 -14.11 9.44 3.09
CA GLN A 41 -13.64 10.49 4.01
C GLN A 41 -14.51 10.55 5.26
N LYS A 50 -3.13 12.45 3.05
CA LYS A 50 -3.27 13.49 2.04
C LYS A 50 -4.34 13.15 0.99
N ASP A 51 -4.49 14.04 0.00
CA ASP A 51 -5.66 14.02 -0.88
C ASP A 51 -5.52 13.26 -2.22
N SER A 52 -4.30 12.91 -2.60
CA SER A 52 -4.08 12.20 -3.87
C SER A 52 -2.78 11.42 -3.90
N TYR A 53 -2.81 10.27 -4.58
CA TYR A 53 -1.62 9.47 -4.83
C TYR A 53 -1.45 9.21 -6.32
N VAL A 54 -0.22 9.01 -6.76
CA VAL A 54 0.04 8.70 -8.16
C VAL A 54 1.10 7.61 -8.27
N GLY A 55 1.00 6.78 -9.31
CA GLY A 55 2.05 5.81 -9.60
C GLY A 55 2.10 4.57 -8.73
N ASP A 56 3.32 4.11 -8.43
CA ASP A 56 3.53 2.88 -7.67
C ASP A 56 2.90 2.94 -6.29
N GLU A 57 2.88 4.13 -5.70
CA GLU A 57 2.40 4.30 -4.34
C GLU A 57 0.89 4.22 -4.32
N ALA A 58 0.28 4.60 -5.44
CA ALA A 58 -1.16 4.60 -5.57
C ALA A 58 -1.71 3.18 -5.59
N GLN A 59 -1.00 2.26 -6.24
CA GLN A 59 -1.43 0.87 -6.25
C GLN A 59 -0.95 0.13 -5.01
N SER A 60 0.12 0.63 -4.41
CA SER A 60 0.59 0.10 -3.13
C SER A 60 -0.54 0.21 -2.14
N LYS A 61 -1.32 1.28 -2.24
CA LYS A 61 -2.44 1.53 -1.35
C LYS A 61 -3.78 1.47 -2.08
N ARG A 62 -3.84 0.71 -3.18
CA ARG A 62 -5.05 0.61 -3.96
C ARG A 62 -6.25 0.34 -3.06
N GLY A 63 -5.99 -0.40 -1.99
CA GLY A 63 -7.02 -0.89 -1.10
C GLY A 63 -7.90 0.17 -0.47
N ILE A 64 -7.36 1.38 -0.30
CA ILE A 64 -8.12 2.46 0.33
C ILE A 64 -8.35 3.65 -0.60
N LEU A 65 -8.23 3.42 -1.91
CA LEU A 65 -8.38 4.48 -2.89
C LEU A 65 -9.24 4.04 -4.06
N THR A 66 -9.75 5.01 -4.79
CA THR A 66 -10.36 4.76 -6.09
C THR A 66 -9.32 5.08 -7.15
N LEU A 67 -8.81 4.05 -7.80
CA LEU A 67 -7.80 4.24 -8.84
C LEU A 67 -8.44 4.61 -10.17
N LYS A 68 -7.77 5.47 -10.92
CA LYS A 68 -8.27 5.88 -12.22
C LYS A 68 -7.14 6.07 -13.21
N TYR A 69 -7.48 5.96 -14.50
CA TYR A 69 -6.51 6.09 -15.58
C TYR A 69 -6.87 7.26 -16.46
N PRO A 70 -6.13 8.36 -16.36
CA PRO A 70 -6.41 9.54 -17.16
C PRO A 70 -6.31 9.24 -18.66
N ILE A 71 -5.44 8.31 -19.02
CA ILE A 71 -5.20 8.00 -20.43
C ILE A 71 -5.89 6.72 -20.84
N GLU A 72 -6.93 6.85 -21.67
CA GLU A 72 -7.66 5.69 -22.17
C GLU A 72 -7.60 5.66 -23.69
N GLY A 74 -4.90 5.82 -25.34
CA GLY A 74 -3.83 6.73 -25.69
C GLY A 74 -4.27 8.19 -25.67
N ILE A 75 -5.56 8.41 -25.42
CA ILE A 75 -6.15 9.75 -25.38
C ILE A 75 -6.41 10.18 -23.94
N ILE A 76 -6.13 11.46 -23.63
CA ILE A 76 -6.39 11.98 -22.29
C ILE A 76 -7.89 12.21 -22.08
N THR A 77 -8.45 11.61 -21.04
CA THR A 77 -9.89 11.73 -20.83
C THR A 77 -10.24 12.41 -19.51
N ASN A 78 -9.30 12.38 -18.57
CA ASN A 78 -9.53 13.02 -17.28
C ASN A 78 -8.47 14.08 -17.05
N TRP A 79 -8.85 15.34 -17.25
CA TRP A 79 -7.88 16.42 -17.20
C TRP A 79 -7.39 16.73 -15.78
N ASP A 80 -8.27 16.60 -14.79
CA ASP A 80 -7.87 16.80 -13.41
C ASP A 80 -6.81 15.79 -13.00
N ASP A 81 -7.09 14.51 -13.27
CA ASP A 81 -6.17 13.45 -12.92
C ASP A 81 -4.88 13.58 -13.70
N MET A 82 -4.99 13.96 -14.96
CA MET A 82 -3.82 14.17 -15.80
C MET A 82 -2.91 15.25 -15.20
N GLU A 83 -3.51 16.29 -14.62
CA GLU A 83 -2.73 17.32 -13.93
C GLU A 83 -1.92 16.71 -12.80
N LYS A 84 -2.53 15.84 -12.01
CA LYS A 84 -1.85 15.24 -10.88
C LYS A 84 -0.65 14.42 -11.34
N ILE A 85 -0.78 13.85 -12.53
CA ILE A 85 0.27 13.03 -13.11
C ILE A 85 1.47 13.90 -13.47
N TRP A 86 1.19 14.96 -14.20
CA TRP A 86 2.23 15.92 -14.55
C TRP A 86 2.88 16.55 -13.32
N HIS A 87 2.10 16.87 -12.30
CA HIS A 87 2.68 17.39 -11.07
C HIS A 87 3.66 16.39 -10.51
N HIS A 88 3.19 15.15 -10.34
CA HIS A 88 4.02 14.09 -9.81
C HIS A 88 5.24 13.87 -10.69
N THR A 89 5.10 14.10 -11.99
CA THR A 89 6.22 13.93 -12.89
C THR A 89 7.32 14.95 -12.58
N PHE A 90 6.99 16.23 -12.62
CA PHE A 90 7.94 17.29 -12.34
C PHE A 90 8.43 17.27 -10.89
N TYR A 91 7.52 17.51 -9.96
CA TYR A 91 7.93 17.71 -8.57
C TYR A 91 8.50 16.45 -7.92
N ASN A 92 7.86 15.31 -8.16
CA ASN A 92 8.18 14.09 -7.42
C ASN A 92 9.08 13.06 -8.10
N GLU A 93 9.19 13.11 -9.42
CA GLU A 93 10.02 12.12 -10.13
C GLU A 93 11.32 12.72 -10.62
N LEU A 94 11.19 13.76 -11.45
CA LEU A 94 12.34 14.44 -12.04
C LEU A 94 12.95 15.44 -11.07
N ARG A 95 12.17 15.83 -10.06
CA ARG A 95 12.57 16.85 -9.10
C ARG A 95 13.01 18.12 -9.78
N VAL A 96 12.13 18.69 -10.60
CA VAL A 96 12.43 19.90 -11.34
C VAL A 96 11.31 20.93 -11.21
N ALA A 97 11.59 22.16 -11.61
CA ALA A 97 10.57 23.20 -11.69
C ALA A 97 10.21 23.43 -13.15
N PRO A 98 8.94 23.22 -13.51
CA PRO A 98 8.47 23.35 -14.89
C PRO A 98 8.79 24.71 -15.52
N GLU A 99 8.80 25.78 -14.72
CA GLU A 99 8.91 27.12 -15.28
C GLU A 99 10.28 27.50 -15.78
N GLU A 100 11.25 26.59 -15.60
CA GLU A 100 12.58 26.84 -16.13
C GLU A 100 13.07 25.76 -17.08
N HIS A 101 12.12 25.00 -17.63
CA HIS A 101 12.45 23.95 -18.60
C HIS A 101 11.46 23.90 -19.76
N PRO A 102 11.94 24.15 -20.98
CA PRO A 102 11.07 23.85 -22.12
C PRO A 102 10.63 22.40 -22.00
N THR A 103 9.37 22.11 -22.29
CA THR A 103 8.84 20.75 -22.11
C THR A 103 8.19 20.20 -23.37
N LEU A 104 8.73 19.12 -23.91
CA LEU A 104 8.13 18.46 -25.06
C LEU A 104 7.18 17.37 -24.59
N LEU A 105 5.99 17.33 -25.19
CA LEU A 105 4.99 16.35 -24.80
C LEU A 105 4.54 15.55 -26.00
N THR A 106 3.98 14.37 -25.74
CA THR A 106 3.60 13.45 -26.81
C THR A 106 2.11 13.19 -26.79
N GLU A 107 1.58 12.89 -27.97
CA GLU A 107 0.15 12.67 -28.12
C GLU A 107 -0.11 11.51 -29.07
N ALA A 108 -1.32 10.97 -29.02
CA ALA A 108 -1.69 9.86 -29.90
C ALA A 108 -2.00 10.38 -31.29
N PRO A 109 -1.77 9.55 -32.30
CA PRO A 109 -2.32 9.83 -33.61
C PRO A 109 -3.80 10.16 -33.45
N LEU A 110 -4.31 11.06 -34.29
CA LEU A 110 -5.74 11.35 -34.30
C LEU A 110 -6.23 11.98 -33.02
N ASN A 111 -5.34 12.66 -32.32
CA ASN A 111 -5.72 13.36 -31.11
C ASN A 111 -6.55 14.57 -31.51
N PRO A 112 -7.78 14.68 -30.99
CA PRO A 112 -8.65 15.81 -31.31
C PRO A 112 -7.97 17.15 -31.03
N LYS A 113 -8.27 18.18 -31.82
CA LYS A 113 -7.59 19.47 -31.69
C LYS A 113 -7.89 20.11 -30.34
N ALA A 114 -9.10 19.91 -29.83
CA ALA A 114 -9.50 20.51 -28.57
C ALA A 114 -8.65 19.98 -27.43
N ASN A 115 -8.21 18.72 -27.56
CA ASN A 115 -7.34 18.08 -26.58
C ASN A 115 -5.95 18.69 -26.58
N ARG A 116 -5.36 18.78 -27.76
CA ARG A 116 -4.04 19.35 -27.92
C ARG A 116 -4.01 20.74 -27.33
N GLU A 117 -5.05 21.53 -27.61
CA GLU A 117 -5.09 22.90 -27.14
C GLU A 117 -5.30 22.94 -25.65
N LYS A 118 -6.08 22.00 -25.14
CA LYS A 118 -6.37 21.94 -23.71
C LYS A 118 -5.08 21.65 -22.97
N MET A 119 -4.26 20.81 -23.59
CA MET A 119 -2.98 20.43 -23.02
C MET A 119 -1.98 21.58 -23.08
N THR A 120 -1.89 22.24 -24.23
CA THR A 120 -1.03 23.40 -24.38
C THR A 120 -1.43 24.45 -23.37
N GLN A 121 -2.73 24.57 -23.15
CA GLN A 121 -3.31 25.60 -22.29
C GLN A 121 -2.98 25.38 -20.82
N ILE A 122 -2.93 24.12 -20.41
CA ILE A 122 -2.59 23.78 -19.04
C ILE A 122 -1.11 23.98 -18.78
N MET A 123 -0.30 23.46 -19.70
CA MET A 123 1.14 23.58 -19.61
C MET A 123 1.57 25.01 -19.40
N PHE A 124 0.89 25.93 -20.05
CA PHE A 124 1.25 27.32 -19.94
C PHE A 124 0.65 27.98 -18.70
N GLU A 125 -0.68 28.00 -18.62
CA GLU A 125 -1.33 28.66 -17.50
C GLU A 125 -1.07 28.02 -16.13
N THR A 126 -1.11 26.69 -16.05
CA THR A 126 -0.98 26.03 -14.76
C THR A 126 0.46 25.72 -14.36
N PHE A 127 1.28 25.27 -15.30
CA PHE A 127 2.66 24.92 -15.00
C PHE A 127 3.66 26.02 -15.35
N ASN A 128 3.25 26.93 -16.23
CA ASN A 128 4.07 28.08 -16.54
C ASN A 128 5.44 27.72 -17.11
N VAL A 129 5.47 26.69 -17.95
CA VAL A 129 6.68 26.30 -18.62
C VAL A 129 7.02 27.40 -19.63
N PRO A 130 8.32 27.65 -19.84
CA PRO A 130 8.74 28.76 -20.71
C PRO A 130 8.37 28.48 -22.17
N ALA A 131 8.48 27.23 -22.58
CA ALA A 131 8.23 26.82 -23.95
C ALA A 131 7.74 25.38 -23.99
N MET A 132 6.99 25.02 -25.03
CA MET A 132 6.51 23.65 -25.14
C MET A 132 6.29 23.23 -26.59
N TYR A 133 6.16 21.93 -26.79
CA TYR A 133 5.89 21.37 -28.10
C TYR A 133 5.08 20.08 -27.94
N VAL A 134 4.15 19.85 -28.84
CA VAL A 134 3.46 18.58 -28.84
C VAL A 134 3.81 17.82 -30.10
N ALA A 135 4.28 16.59 -29.92
CA ALA A 135 4.67 15.75 -31.04
C ALA A 135 3.90 14.43 -30.99
N ILE A 136 3.59 13.89 -32.17
CA ILE A 136 2.87 12.62 -32.30
C ILE A 136 3.77 11.41 -32.03
N GLN A 137 3.41 10.60 -31.04
CA GLN A 137 4.23 9.51 -30.55
C GLN A 137 4.87 8.65 -31.64
N ALA A 138 4.07 8.17 -32.58
CA ALA A 138 4.58 7.33 -33.66
C ALA A 138 5.75 7.99 -34.38
N VAL A 139 5.61 9.27 -34.72
CA VAL A 139 6.66 9.99 -35.41
C VAL A 139 8.00 9.92 -34.67
N LEU A 140 7.96 10.15 -33.36
CA LEU A 140 9.17 10.12 -32.56
C LEU A 140 9.86 8.76 -32.71
N SER A 141 9.08 7.69 -32.66
CA SER A 141 9.62 6.34 -32.82
C SER A 141 10.41 6.29 -34.11
N LEU A 142 9.79 6.75 -35.19
CA LEU A 142 10.41 6.77 -36.51
C LEU A 142 11.72 7.54 -36.46
N TYR A 143 11.66 8.76 -35.93
CA TYR A 143 12.87 9.55 -35.74
C TYR A 143 13.93 8.75 -35.02
N ALA A 144 13.55 8.09 -33.93
CA ALA A 144 14.54 7.37 -33.12
C ALA A 144 15.35 6.42 -33.98
N SER A 145 14.73 5.88 -35.03
CA SER A 145 15.41 4.93 -35.92
C SER A 145 16.27 5.60 -36.99
N GLY A 146 16.15 6.92 -37.10
CA GLY A 146 16.98 7.70 -38.01
C GLY A 146 16.33 7.87 -39.37
N ARG A 147 15.01 7.76 -39.40
CA ARG A 147 14.25 7.90 -40.64
C ARG A 147 13.23 9.01 -40.51
N THR A 148 12.81 9.54 -41.65
CA THR A 148 11.75 10.55 -41.68
C THR A 148 10.61 10.09 -42.59
N THR A 149 10.73 8.87 -43.09
CA THR A 149 9.73 8.24 -43.96
C THR A 149 9.62 6.75 -43.63
N GLY A 150 8.38 6.28 -43.43
CA GLY A 150 8.14 4.89 -43.12
C GLY A 150 6.80 4.71 -42.45
N ILE A 151 6.48 3.48 -42.04
CA ILE A 151 5.23 3.20 -41.38
C ILE A 151 5.49 2.57 -40.04
N VAL A 152 4.99 3.20 -38.99
CA VAL A 152 5.23 2.76 -37.64
C VAL A 152 4.13 1.85 -37.13
N LEU A 153 4.51 0.86 -36.34
CA LEU A 153 3.53 0.07 -35.61
C LEU A 153 3.77 0.34 -34.15
N ASP A 154 2.96 1.21 -33.57
CA ASP A 154 3.12 1.52 -32.17
C ASP A 154 2.08 0.75 -31.38
N SER A 155 2.54 -0.05 -30.44
CA SER A 155 1.61 -0.81 -29.60
C SER A 155 2.08 -0.77 -28.17
N GLY A 156 1.31 -0.06 -27.35
CA GLY A 156 1.62 0.08 -25.94
C GLY A 156 0.71 -0.74 -25.07
N ASP A 157 0.23 -0.15 -24.00
CA ASP A 157 -0.58 -0.87 -23.06
C ASP A 157 -2.06 -0.80 -23.43
N GLY A 158 -2.48 0.32 -24.00
CA GLY A 158 -3.90 0.55 -24.23
C GLY A 158 -4.41 0.47 -25.65
N VAL A 159 -3.57 0.88 -26.61
CA VAL A 159 -3.99 0.94 -28.01
C VAL A 159 -2.86 0.61 -28.98
N THR A 160 -3.22 0.30 -30.23
CA THR A 160 -2.26 0.01 -31.29
C THR A 160 -2.55 0.85 -32.52
N HIS A 161 -1.55 1.53 -33.07
CA HIS A 161 -1.73 2.27 -34.32
C HIS A 161 -0.77 1.85 -35.42
N ASN A 162 -1.24 1.95 -36.65
CA ASN A 162 -0.36 1.98 -37.80
C ASN A 162 -0.29 3.43 -38.27
N VAL A 163 0.91 4.00 -38.34
CA VAL A 163 1.06 5.38 -38.76
C VAL A 163 2.01 5.52 -39.93
N PRO A 164 1.46 5.82 -41.12
CA PRO A 164 2.28 6.15 -42.30
C PRO A 164 2.81 7.58 -42.24
N ILE A 165 4.11 7.75 -42.46
CA ILE A 165 4.75 9.05 -42.35
C ILE A 165 5.65 9.35 -43.55
N TYR A 166 5.54 10.56 -44.08
CA TYR A 166 6.30 10.94 -45.25
C TYR A 166 6.93 12.30 -45.02
N GLU A 167 8.26 12.29 -44.90
CA GLU A 167 9.04 13.51 -44.71
C GLU A 167 8.62 14.26 -43.46
N GLY A 168 8.60 13.54 -42.34
CA GLY A 168 8.32 14.13 -41.04
C GLY A 168 6.85 14.37 -40.76
N TYR A 169 6.01 14.25 -41.77
CA TYR A 169 4.59 14.47 -41.57
C TYR A 169 3.82 13.15 -41.65
N ALA A 170 2.94 12.94 -40.68
CA ALA A 170 2.09 11.76 -40.68
C ALA A 170 0.97 11.94 -41.71
N LEU A 171 0.32 10.84 -42.08
CA LEU A 171 -0.77 10.88 -43.04
C LEU A 171 -2.07 10.41 -42.40
N PRO A 172 -2.90 11.36 -41.94
CA PRO A 172 -4.06 11.09 -41.09
C PRO A 172 -5.14 10.25 -41.78
N HIS A 173 -5.26 10.38 -43.10
CA HIS A 173 -6.26 9.64 -43.84
C HIS A 173 -5.93 8.15 -43.82
N ALA A 174 -4.66 7.84 -43.57
CA ALA A 174 -4.17 6.46 -43.70
C ALA A 174 -3.86 5.77 -42.37
N ILE A 175 -4.16 6.42 -41.26
CA ILE A 175 -3.88 5.88 -39.94
C ILE A 175 -4.89 4.78 -39.55
N MET A 176 -4.38 3.64 -39.08
CA MET A 176 -5.24 2.56 -38.61
C MET A 176 -5.15 2.41 -37.08
N ARG A 177 -6.29 2.52 -36.40
CA ARG A 177 -6.34 2.35 -34.94
C ARG A 177 -6.93 1.00 -34.55
N LEU A 178 -6.37 0.40 -33.52
CA LEU A 178 -6.74 -0.94 -33.08
C LEU A 178 -6.78 -0.98 -31.55
N ASP A 179 -7.98 -1.05 -30.98
CA ASP A 179 -8.13 -0.97 -29.53
C ASP A 179 -7.73 -2.25 -28.81
N LEU A 180 -6.59 -2.80 -29.21
CA LEU A 180 -6.10 -4.05 -28.66
C LEU A 180 -4.63 -3.89 -28.38
N ALA A 181 -4.26 -3.92 -27.11
CA ALA A 181 -2.85 -3.84 -26.74
C ALA A 181 -2.52 -4.75 -25.57
N GLY A 182 -1.41 -4.46 -24.89
CA GLY A 182 -0.89 -5.32 -23.85
C GLY A 182 -1.80 -5.52 -22.65
N ARG A 183 -2.60 -4.52 -22.34
CA ARG A 183 -3.52 -4.59 -21.21
C ARG A 183 -4.55 -5.70 -21.38
N ASP A 184 -4.89 -5.99 -22.63
CA ASP A 184 -5.88 -7.02 -22.93
C ASP A 184 -5.22 -8.36 -23.23
N LEU A 185 -3.92 -8.33 -23.49
CA LEU A 185 -3.17 -9.54 -23.79
C LEU A 185 -2.86 -10.20 -22.46
N THR A 186 -2.51 -9.38 -21.49
CA THR A 186 -2.33 -9.82 -20.12
C THR A 186 -3.64 -10.39 -19.60
N ASP A 187 -4.74 -9.75 -19.99
CA ASP A 187 -6.04 -10.24 -19.60
C ASP A 187 -6.25 -11.63 -20.18
N TYR A 188 -6.06 -11.74 -21.49
CA TYR A 188 -6.23 -13.01 -22.18
C TYR A 188 -5.41 -14.12 -21.54
N LEU A 189 -4.16 -13.82 -21.22
CA LEU A 189 -3.27 -14.82 -20.63
C LEU A 189 -3.74 -15.22 -19.24
N MET A 190 -4.14 -14.23 -18.45
CA MET A 190 -4.71 -14.48 -17.14
C MET A 190 -5.90 -15.43 -17.25
N LYS A 191 -6.73 -15.20 -18.26
CA LYS A 191 -7.90 -16.04 -18.49
C LYS A 191 -7.52 -17.49 -18.72
N ILE A 192 -6.79 -17.73 -19.80
CA ILE A 192 -6.36 -19.09 -20.14
C ILE A 192 -5.70 -19.77 -18.94
N LEU A 193 -4.61 -19.18 -18.46
CA LEU A 193 -3.87 -19.73 -17.32
C LEU A 193 -4.82 -20.33 -16.29
N THR A 194 -5.91 -19.61 -16.00
CA THR A 194 -6.83 -20.00 -14.95
C THR A 194 -7.68 -21.16 -15.43
N GLU A 195 -8.05 -21.13 -16.71
CA GLU A 195 -8.86 -22.20 -17.29
C GLU A 195 -8.15 -23.53 -17.23
N ARG A 196 -6.97 -23.55 -16.62
CA ARG A 196 -6.17 -24.76 -16.49
C ARG A 196 -5.86 -25.04 -15.02
N GLY A 197 -6.69 -24.50 -14.13
CA GLY A 197 -6.49 -24.69 -12.71
C GLY A 197 -5.60 -23.78 -11.89
N TYR A 198 -5.24 -22.64 -12.48
CA TYR A 198 -4.37 -21.68 -11.81
C TYR A 198 -5.18 -20.50 -11.26
N SER A 199 -5.44 -20.54 -9.96
CA SER A 199 -6.20 -19.47 -9.31
C SER A 199 -5.48 -18.13 -9.43
N PHE A 200 -6.04 -17.24 -10.23
CA PHE A 200 -5.45 -15.91 -10.43
C PHE A 200 -6.50 -14.82 -10.25
N VAL A 201 -6.16 -13.80 -9.46
CA VAL A 201 -7.06 -12.69 -9.21
C VAL A 201 -6.22 -11.45 -9.46
N THR A 202 -6.67 -10.32 -8.92
CA THR A 202 -5.96 -9.06 -9.08
C THR A 202 -5.08 -8.55 -7.95
N THR A 203 -5.37 -8.99 -6.74
CA THR A 203 -4.61 -8.58 -5.56
C THR A 203 -3.14 -8.38 -5.90
N ALA A 204 -2.50 -9.45 -6.39
CA ALA A 204 -1.10 -9.39 -6.77
C ALA A 204 -0.84 -10.27 -7.98
N GLU A 205 -1.77 -11.17 -8.27
CA GLU A 205 -1.65 -12.07 -9.41
C GLU A 205 -1.49 -11.28 -10.70
N ARG A 206 -2.47 -10.43 -11.00
CA ARG A 206 -2.43 -9.60 -12.20
C ARG A 206 -1.01 -9.16 -12.51
N GLU A 207 -0.24 -8.90 -11.46
CA GLU A 207 1.15 -8.49 -11.61
C GLU A 207 2.01 -9.62 -12.16
N ILE A 208 1.87 -10.80 -11.59
CA ILE A 208 2.62 -11.97 -12.03
C ILE A 208 2.29 -12.33 -13.46
N VAL A 209 1.00 -12.36 -13.78
CA VAL A 209 0.55 -12.70 -15.12
C VAL A 209 1.22 -11.80 -16.16
N ARG A 210 1.52 -10.56 -15.77
CA ARG A 210 2.17 -9.64 -16.69
C ARG A 210 3.65 -9.99 -16.84
N ASP A 211 4.28 -10.41 -15.75
CA ASP A 211 5.68 -10.78 -15.79
C ASP A 211 5.88 -12.04 -16.60
N ILE A 212 5.00 -13.01 -16.40
CA ILE A 212 5.03 -14.21 -17.22
C ILE A 212 4.91 -13.82 -18.69
N LYS A 213 4.03 -12.87 -18.97
CA LYS A 213 3.84 -12.40 -20.33
C LYS A 213 5.14 -11.92 -20.95
N GLU A 214 5.84 -11.03 -20.26
CA GLU A 214 7.02 -10.40 -20.84
C GLU A 214 8.24 -11.30 -20.78
N LYS A 215 8.18 -12.34 -19.95
CA LYS A 215 9.30 -13.25 -19.79
C LYS A 215 9.19 -14.48 -20.69
N LEU A 216 7.97 -14.97 -20.91
CA LEU A 216 7.79 -16.27 -21.54
C LEU A 216 7.07 -16.26 -22.88
N CYS A 217 6.25 -15.25 -23.12
CA CYS A 217 5.50 -15.20 -24.37
C CYS A 217 6.37 -14.85 -25.56
N TYR A 218 5.97 -15.35 -26.73
CA TYR A 218 6.68 -15.07 -27.96
C TYR A 218 5.71 -15.34 -29.08
N VAL A 219 6.10 -14.95 -30.29
CA VAL A 219 5.23 -15.10 -31.45
C VAL A 219 5.69 -16.28 -32.29
N ALA A 220 4.73 -17.09 -32.74
CA ALA A 220 5.04 -18.21 -33.62
C ALA A 220 5.18 -17.69 -35.04
N LEU A 221 6.13 -18.26 -35.77
CA LEU A 221 6.33 -17.89 -37.16
C LEU A 221 5.18 -18.53 -37.95
N ASP A 222 4.76 -19.70 -37.48
CA ASP A 222 3.63 -20.41 -38.08
C ASP A 222 2.77 -21.01 -36.97
N PHE A 223 1.69 -20.31 -36.65
CA PHE A 223 0.83 -20.70 -35.54
C PHE A 223 0.30 -22.14 -35.62
N GLU A 224 -0.31 -22.49 -36.75
CA GLU A 224 -0.78 -23.85 -36.96
C GLU A 224 0.38 -24.82 -36.78
N ASN A 225 1.50 -24.49 -37.41
CA ASN A 225 2.68 -25.33 -37.33
C ASN A 225 3.25 -25.42 -35.91
N GLU A 226 3.26 -24.28 -35.21
CA GLU A 226 3.77 -24.22 -33.84
C GLU A 226 2.90 -24.97 -32.85
N MET A 227 1.60 -25.00 -33.09
CA MET A 227 0.69 -25.75 -32.23
C MET A 227 1.05 -27.24 -32.27
N ALA A 228 1.25 -27.74 -33.48
CA ALA A 228 1.55 -29.17 -33.66
C ALA A 228 2.85 -29.56 -32.95
N THR A 229 3.80 -28.63 -32.89
CA THR A 229 5.05 -28.91 -32.21
C THR A 229 4.82 -29.10 -30.72
N ALA A 230 4.09 -28.17 -30.12
CA ALA A 230 3.80 -28.21 -28.68
C ALA A 230 2.78 -29.29 -28.31
N ALA A 231 2.31 -30.01 -29.32
CA ALA A 231 1.37 -31.09 -29.13
C ALA A 231 2.05 -32.45 -29.19
N SER A 232 3.19 -32.50 -29.87
CA SER A 232 3.89 -33.76 -30.10
C SER A 232 5.16 -33.91 -29.26
N SER A 233 5.62 -32.80 -28.68
CA SER A 233 6.79 -32.81 -27.79
C SER A 233 6.70 -31.74 -26.71
N SER A 234 7.74 -31.67 -25.88
CA SER A 234 7.82 -30.67 -24.81
C SER A 234 8.94 -29.66 -25.08
N SER A 235 9.39 -29.70 -26.34
CA SER A 235 10.26 -28.71 -26.94
C SER A 235 10.02 -27.29 -26.41
N LEU A 236 8.74 -26.92 -26.32
CA LEU A 236 8.34 -25.54 -26.06
C LEU A 236 7.83 -25.26 -24.66
N GLU A 237 7.82 -26.26 -23.79
CA GLU A 237 7.44 -26.04 -22.39
C GLU A 237 8.45 -25.12 -21.75
N LYS A 238 7.99 -24.27 -20.85
CA LYS A 238 8.88 -23.49 -20.04
C LYS A 238 8.26 -23.36 -18.67
N SER A 239 9.07 -23.07 -17.66
CA SER A 239 8.56 -23.06 -16.30
C SER A 239 8.71 -21.72 -15.56
N TYR A 240 7.80 -21.49 -14.61
CA TYR A 240 7.77 -20.26 -13.84
C TYR A 240 7.38 -20.54 -12.39
N GLU A 241 8.31 -20.30 -11.47
CA GLU A 241 8.01 -20.47 -10.04
C GLU A 241 7.41 -19.21 -9.45
N LEU A 242 6.19 -19.33 -8.96
CA LEU A 242 5.54 -18.23 -8.29
C LEU A 242 6.28 -18.00 -7.01
N PRO A 243 5.94 -16.95 -6.32
CA PRO A 243 6.66 -16.61 -5.11
C PRO A 243 6.11 -17.45 -4.01
N ASP A 244 4.80 -17.67 -4.04
CA ASP A 244 4.21 -18.56 -3.10
C ASP A 244 5.09 -19.76 -2.96
N GLY A 245 5.59 -20.22 -4.10
CA GLY A 245 6.38 -21.43 -4.20
C GLY A 245 5.96 -22.30 -5.36
N GLN A 246 4.64 -22.48 -5.48
CA GLN A 246 4.04 -23.28 -6.54
C GLN A 246 4.65 -23.00 -7.91
N VAL A 247 5.34 -23.99 -8.46
CA VAL A 247 5.87 -23.86 -9.80
C VAL A 247 4.77 -24.17 -10.82
N ILE A 248 4.83 -23.55 -11.98
CA ILE A 248 3.87 -23.84 -13.04
C ILE A 248 4.57 -23.94 -14.38
N THR A 249 4.00 -24.75 -15.27
CA THR A 249 4.60 -24.96 -16.57
C THR A 249 3.71 -24.38 -17.65
N ILE A 250 4.34 -23.79 -18.67
CA ILE A 250 3.62 -23.27 -19.81
C ILE A 250 4.14 -23.91 -21.08
N GLY A 251 3.26 -24.07 -22.07
CA GLY A 251 3.61 -24.63 -23.36
C GLY A 251 3.12 -23.75 -24.50
N ASN A 252 2.04 -24.18 -25.15
CA ASN A 252 1.49 -23.45 -26.28
C ASN A 252 0.91 -22.09 -25.88
N GLU A 253 0.72 -21.89 -24.58
CA GLU A 253 0.23 -20.61 -24.06
C GLU A 253 1.24 -19.48 -24.29
N ARG A 254 2.50 -19.85 -24.42
CA ARG A 254 3.56 -18.86 -24.63
C ARG A 254 3.35 -18.11 -25.95
N PHE A 255 2.86 -18.81 -26.97
CA PHE A 255 2.67 -18.16 -28.27
C PHE A 255 1.23 -17.91 -28.67
N ARG A 256 0.28 -18.52 -27.94
CA ARG A 256 -1.14 -18.29 -28.20
C ARG A 256 -1.59 -16.92 -27.71
N CYS A 257 -0.92 -16.42 -26.69
CA CYS A 257 -1.28 -15.13 -26.13
C CYS A 257 -0.95 -13.99 -27.10
N PRO A 258 0.30 -13.94 -27.59
CA PRO A 258 0.61 -12.88 -28.57
C PRO A 258 -0.10 -13.05 -29.90
N GLU A 259 -0.50 -14.28 -30.25
CA GLU A 259 -1.19 -14.50 -31.51
C GLU A 259 -2.41 -13.60 -31.64
N THR A 260 -2.92 -13.12 -30.52
CA THR A 260 -4.12 -12.29 -30.53
C THR A 260 -3.93 -11.02 -31.36
N LEU A 261 -2.68 -10.61 -31.54
CA LEU A 261 -2.34 -9.44 -32.34
C LEU A 261 -2.57 -9.65 -33.82
N PHE A 262 -2.48 -10.90 -34.25
CA PHE A 262 -2.68 -11.26 -35.64
C PHE A 262 -4.07 -11.84 -35.82
N GLN A 263 -4.61 -12.43 -34.76
CA GLN A 263 -5.97 -12.95 -34.78
C GLN A 263 -6.75 -12.42 -33.58
N PRO A 264 -7.30 -11.21 -33.69
CA PRO A 264 -8.13 -10.62 -32.62
C PRO A 264 -9.35 -11.48 -32.23
N SER A 265 -9.79 -12.35 -33.13
CA SER A 265 -10.91 -13.22 -32.84
C SER A 265 -10.59 -14.19 -31.68
N PHE A 266 -9.43 -14.02 -31.05
CA PHE A 266 -9.06 -14.81 -29.88
C PHE A 266 -9.68 -14.23 -28.60
N ILE A 267 -9.84 -12.91 -28.58
CA ILE A 267 -10.59 -12.27 -27.50
C ILE A 267 -11.93 -11.82 -28.04
N GLY A 268 -12.33 -12.38 -29.18
CA GLY A 268 -13.64 -12.17 -29.74
C GLY A 268 -13.85 -10.80 -30.36
N MET A 269 -12.77 -10.22 -30.85
CA MET A 269 -12.87 -8.97 -31.58
C MET A 269 -12.94 -9.25 -33.07
N GLU A 270 -14.04 -8.84 -33.71
CA GLU A 270 -14.20 -9.05 -35.13
C GLU A 270 -13.43 -8.00 -35.93
N SER A 271 -12.30 -7.57 -35.38
CA SER A 271 -11.38 -6.67 -36.06
C SER A 271 -10.33 -7.49 -36.81
N ALA A 272 -9.44 -6.82 -37.54
CA ALA A 272 -8.41 -7.53 -38.31
C ALA A 272 -7.05 -7.35 -37.66
N GLY A 273 -6.12 -8.27 -37.94
CA GLY A 273 -4.83 -8.29 -37.27
C GLY A 273 -3.86 -7.20 -37.69
N ILE A 274 -2.80 -7.01 -36.90
CA ILE A 274 -1.84 -5.94 -37.17
C ILE A 274 -1.11 -6.06 -38.50
N HIS A 275 -1.02 -7.27 -39.04
CA HIS A 275 -0.43 -7.42 -40.37
C HIS A 275 -1.39 -6.84 -41.40
N GLU A 276 -2.66 -7.17 -41.27
CA GLU A 276 -3.66 -6.64 -42.18
C GLU A 276 -3.79 -5.13 -42.09
N THR A 277 -3.91 -4.60 -40.88
CA THR A 277 -4.03 -3.16 -40.71
C THR A 277 -2.78 -2.45 -41.20
N THR A 278 -1.63 -3.11 -41.10
CA THR A 278 -0.40 -2.55 -41.62
C THR A 278 -0.46 -2.49 -43.13
N TYR A 279 -0.96 -3.57 -43.72
CA TYR A 279 -1.06 -3.64 -45.18
C TYR A 279 -2.14 -2.67 -45.68
N ASN A 280 -3.28 -2.66 -44.98
CA ASN A 280 -4.36 -1.75 -45.32
C ASN A 280 -3.94 -0.30 -45.22
N SER A 281 -3.14 0.00 -44.20
CA SER A 281 -2.66 1.35 -43.97
C SER A 281 -1.78 1.81 -45.13
N ILE A 282 -0.89 0.94 -45.59
CA ILE A 282 -0.02 1.26 -46.72
C ILE A 282 -0.86 1.46 -47.98
N MET A 283 -1.75 0.50 -48.26
CA MET A 283 -2.66 0.58 -49.40
C MET A 283 -3.44 1.88 -49.43
N LYS A 284 -3.59 2.51 -48.27
CA LYS A 284 -4.33 3.76 -48.13
C LYS A 284 -3.49 4.95 -48.55
N CYS A 285 -2.23 4.70 -48.91
CA CYS A 285 -1.30 5.77 -49.25
C CYS A 285 -1.01 5.91 -50.74
N ASP A 286 -0.40 7.04 -51.09
CA ASP A 286 0.05 7.32 -52.46
C ASP A 286 0.85 6.14 -53.00
N ILE A 287 0.53 5.69 -54.20
CA ILE A 287 1.17 4.49 -54.74
C ILE A 287 2.68 4.67 -54.95
N ASP A 288 3.13 5.92 -54.97
CA ASP A 288 4.53 6.22 -55.25
C ASP A 288 5.42 6.16 -54.00
N ILE A 289 4.80 6.19 -52.83
CA ILE A 289 5.56 6.15 -51.58
C ILE A 289 5.43 4.79 -50.86
N ARG A 290 4.69 3.87 -51.46
CA ARG A 290 4.53 2.56 -50.88
C ARG A 290 5.85 1.82 -50.81
N LYS A 291 6.65 1.93 -51.87
CA LYS A 291 7.97 1.34 -51.89
C LYS A 291 8.72 1.73 -50.60
N ASP A 292 8.84 3.04 -50.36
CA ASP A 292 9.52 3.55 -49.16
C ASP A 292 8.94 3.00 -47.85
N LEU A 293 7.61 2.89 -47.81
CA LEU A 293 6.93 2.43 -46.62
C LEU A 293 7.16 0.95 -46.34
N TYR A 294 6.95 0.11 -47.35
CA TYR A 294 7.15 -1.32 -47.20
C TYR A 294 8.54 -1.64 -46.67
N ALA A 295 9.53 -0.83 -47.06
CA ALA A 295 10.90 -1.09 -46.67
C ALA A 295 11.30 -0.34 -45.40
N ASN A 296 10.31 0.18 -44.69
CA ASN A 296 10.57 0.92 -43.47
C ASN A 296 9.49 0.76 -42.42
N ASN A 297 9.18 -0.48 -42.07
CA ASN A 297 8.32 -0.76 -40.93
C ASN A 297 9.10 -0.63 -39.65
N VAL A 298 8.87 0.45 -38.92
CA VAL A 298 9.48 0.62 -37.62
C VAL A 298 8.47 0.27 -36.54
N MET A 299 8.87 -0.61 -35.63
CA MET A 299 8.00 -1.01 -34.54
C MET A 299 8.37 -0.35 -33.22
N SER A 300 7.37 0.16 -32.52
CA SER A 300 7.60 0.74 -31.22
C SER A 300 6.54 0.32 -30.22
N GLY A 301 6.84 0.53 -28.95
CA GLY A 301 5.93 0.16 -27.89
C GLY A 301 6.39 -1.10 -27.20
N GLY A 302 5.85 -1.34 -26.02
CA GLY A 302 6.25 -2.48 -25.22
C GLY A 302 5.59 -3.76 -25.67
N THR A 303 4.50 -3.64 -26.42
CA THR A 303 3.76 -4.82 -26.88
C THR A 303 4.38 -5.35 -28.17
N THR A 304 5.37 -4.64 -28.70
CA THR A 304 6.08 -5.15 -29.87
C THR A 304 7.36 -5.91 -29.48
N MET A 305 7.61 -6.02 -28.18
CA MET A 305 8.84 -6.58 -27.63
C MET A 305 8.92 -8.11 -27.71
N TYR A 306 7.87 -8.75 -28.19
CA TYR A 306 7.83 -10.20 -28.22
C TYR A 306 8.86 -10.74 -29.19
N PRO A 307 9.66 -11.71 -28.75
CA PRO A 307 10.57 -12.41 -29.66
C PRO A 307 9.79 -13.05 -30.80
N GLY A 308 10.31 -12.97 -32.02
CA GLY A 308 9.66 -13.57 -33.16
C GLY A 308 8.65 -12.70 -33.89
N ILE A 309 8.27 -11.58 -33.29
CA ILE A 309 7.27 -10.72 -33.90
C ILE A 309 7.77 -10.04 -35.17
N ALA A 310 9.07 -9.76 -35.21
CA ALA A 310 9.65 -9.08 -36.37
C ALA A 310 9.54 -9.96 -37.63
N ASP A 311 9.87 -11.23 -37.48
CA ASP A 311 9.91 -12.15 -38.61
C ASP A 311 8.53 -12.63 -38.99
N ARG A 312 7.64 -12.70 -38.03
CA ARG A 312 6.27 -13.08 -38.33
C ARG A 312 5.70 -11.99 -39.22
N MET A 313 5.93 -10.75 -38.82
CA MET A 313 5.46 -9.61 -39.57
C MET A 313 6.05 -9.60 -40.97
N GLN A 314 7.36 -9.84 -41.05
CA GLN A 314 8.05 -9.90 -42.32
C GLN A 314 7.37 -10.93 -43.23
N LYS A 315 7.07 -12.10 -42.67
CA LYS A 315 6.45 -13.15 -43.44
C LYS A 315 5.04 -12.76 -43.88
N GLU A 316 4.23 -12.32 -42.93
CA GLU A 316 2.83 -11.98 -43.21
C GLU A 316 2.67 -10.90 -44.29
N ILE A 317 3.51 -9.88 -44.22
CA ILE A 317 3.47 -8.78 -45.17
C ILE A 317 3.97 -9.18 -46.56
N THR A 318 4.96 -10.06 -46.61
CA THR A 318 5.47 -10.51 -47.90
C THR A 318 4.35 -11.24 -48.63
N ALA A 319 3.42 -11.78 -47.88
CA ALA A 319 2.36 -12.58 -48.47
C ALA A 319 1.20 -11.71 -48.93
N LEU A 320 1.00 -10.58 -48.27
CA LEU A 320 -0.09 -9.67 -48.61
C LEU A 320 0.27 -8.76 -49.79
N ALA A 321 1.56 -8.41 -49.88
CA ALA A 321 2.03 -7.41 -50.84
C ALA A 321 2.43 -8.02 -52.17
N PRO A 322 2.71 -7.15 -53.18
CA PRO A 322 3.31 -7.55 -54.46
C PRO A 322 4.59 -8.33 -54.26
N SER A 323 4.86 -9.27 -55.17
CA SER A 323 5.99 -10.17 -55.07
C SER A 323 7.31 -9.44 -55.30
N THR A 324 7.20 -8.29 -55.97
CA THR A 324 8.38 -7.56 -56.40
C THR A 324 8.90 -6.58 -55.35
N MET A 325 8.00 -6.17 -54.44
CA MET A 325 8.36 -5.19 -53.42
C MET A 325 9.28 -5.77 -52.37
N LYS A 326 10.31 -5.00 -52.03
CA LYS A 326 11.22 -5.34 -50.95
C LYS A 326 10.58 -4.90 -49.63
N ILE A 327 10.41 -5.85 -48.72
CA ILE A 327 9.85 -5.55 -47.40
C ILE A 327 10.97 -5.43 -46.38
N LYS A 328 10.73 -4.68 -45.31
CA LYS A 328 11.71 -4.61 -44.24
C LYS A 328 11.08 -4.19 -42.91
N ILE A 329 11.39 -4.95 -41.87
CA ILE A 329 10.92 -4.69 -40.53
C ILE A 329 12.11 -4.25 -39.69
N ILE A 330 11.95 -3.14 -38.98
CA ILE A 330 13.01 -2.68 -38.10
C ILE A 330 12.54 -2.76 -36.64
N ALA A 331 13.15 -3.65 -35.87
CA ALA A 331 12.78 -3.83 -34.48
C ALA A 331 13.90 -3.41 -33.55
N PRO A 332 14.02 -2.09 -33.30
CA PRO A 332 15.02 -1.57 -32.37
C PRO A 332 14.90 -2.29 -31.03
N PRO A 333 16.03 -2.74 -30.47
CA PRO A 333 16.02 -3.41 -29.17
C PRO A 333 15.56 -2.45 -28.07
N GLU A 334 15.53 -1.16 -28.40
CA GLU A 334 15.14 -0.13 -27.44
C GLU A 334 13.73 0.39 -27.72
N ARG A 335 12.96 -0.38 -28.48
CA ARG A 335 11.69 0.12 -29.01
C ARG A 335 10.62 0.25 -27.93
N LYS A 336 10.87 -0.39 -26.79
CA LYS A 336 10.04 -0.21 -25.62
C LYS A 336 9.98 1.27 -25.29
N TYR A 337 11.09 1.97 -25.55
CA TYR A 337 11.25 3.40 -25.25
C TYR A 337 11.48 4.27 -26.47
N SER A 338 11.29 3.72 -27.67
CA SER A 338 11.50 4.47 -28.90
C SER A 338 10.89 5.86 -28.84
N VAL A 339 9.59 5.91 -28.60
CA VAL A 339 8.88 7.19 -28.55
C VAL A 339 9.62 8.20 -27.72
N TRP A 340 9.83 7.90 -26.45
CA TRP A 340 10.58 8.81 -25.58
C TRP A 340 11.95 9.17 -26.13
N ILE A 341 12.68 8.18 -26.64
CA ILE A 341 13.99 8.41 -27.21
C ILE A 341 13.85 9.34 -28.41
N GLY A 342 12.88 9.04 -29.26
CA GLY A 342 12.59 9.88 -30.41
C GLY A 342 12.49 11.32 -29.99
N GLY A 343 11.81 11.56 -28.87
CA GLY A 343 11.64 12.91 -28.34
C GLY A 343 12.92 13.47 -27.75
N SER A 344 13.56 12.68 -26.90
CA SER A 344 14.87 13.03 -26.37
C SER A 344 15.79 13.57 -27.46
N ILE A 345 15.84 12.89 -28.60
CA ILE A 345 16.66 13.36 -29.73
C ILE A 345 16.17 14.69 -30.26
N LEU A 346 14.95 14.69 -30.77
CA LEU A 346 14.38 15.91 -31.34
C LEU A 346 14.75 17.13 -30.50
N ALA A 347 14.23 17.16 -29.28
CA ALA A 347 14.35 18.31 -28.40
C ALA A 347 15.77 18.86 -28.26
N SER A 348 16.77 18.04 -28.54
CA SER A 348 18.14 18.45 -28.32
C SER A 348 18.78 19.04 -29.57
N LEU A 349 18.21 18.76 -30.73
CA LEU A 349 18.71 19.24 -32.03
C LEU A 349 18.58 20.75 -32.16
N SER A 350 19.54 21.37 -32.82
CA SER A 350 19.56 22.83 -32.93
C SER A 350 18.62 23.39 -33.98
N THR A 351 18.41 22.66 -35.07
CA THR A 351 17.47 23.10 -36.10
C THR A 351 16.04 23.03 -35.58
N PHE A 352 15.89 22.52 -34.36
CA PHE A 352 14.59 22.37 -33.72
C PHE A 352 14.28 23.52 -32.79
N GLN A 353 15.32 24.17 -32.28
CA GLN A 353 15.16 25.21 -31.26
C GLN A 353 14.25 26.37 -31.68
N GLN A 354 13.99 26.51 -32.97
CA GLN A 354 13.09 27.55 -33.46
C GLN A 354 11.63 27.06 -33.52
N MET A 355 11.44 25.77 -33.30
CA MET A 355 10.13 25.12 -33.40
C MET A 355 9.33 25.16 -32.10
N TRP A 356 9.96 25.62 -31.02
CA TRP A 356 9.32 25.69 -29.73
C TRP A 356 8.17 26.71 -29.72
N ILE A 357 7.11 26.40 -28.98
CA ILE A 357 6.04 27.37 -28.72
C ILE A 357 6.42 28.11 -27.45
N THR A 358 6.59 29.42 -27.56
CA THR A 358 6.96 30.22 -26.41
C THR A 358 5.73 30.73 -25.68
N LYS A 359 5.86 30.95 -24.38
CA LYS A 359 4.79 31.50 -23.55
C LYS A 359 4.31 32.80 -24.17
N GLN A 360 5.27 33.58 -24.68
CA GLN A 360 4.98 34.83 -25.37
C GLN A 360 4.05 34.59 -26.54
N GLU A 361 4.39 33.63 -27.38
CA GLU A 361 3.59 33.34 -28.56
C GLU A 361 2.17 32.98 -28.17
N TYR A 362 2.05 32.23 -27.08
CA TYR A 362 0.78 31.77 -26.54
C TYR A 362 -0.06 32.90 -25.96
N ASP A 363 0.62 33.85 -25.32
CA ASP A 363 -0.05 34.99 -24.69
C ASP A 363 -0.64 35.95 -25.71
N GLU A 364 -0.06 35.96 -26.90
CA GLU A 364 -0.51 36.84 -27.97
C GLU A 364 -1.67 36.23 -28.74
N ALA A 365 -1.45 35.05 -29.29
CA ALA A 365 -2.43 34.38 -30.14
C ALA A 365 -3.52 33.65 -29.36
N GLY A 366 -3.10 32.72 -28.49
CA GLY A 366 -4.02 31.86 -27.77
C GLY A 366 -3.63 30.40 -27.91
N PRO A 367 -4.39 29.49 -27.29
CA PRO A 367 -4.12 28.04 -27.34
C PRO A 367 -4.02 27.49 -28.77
N SER A 368 -4.61 28.20 -29.72
CA SER A 368 -4.67 27.77 -31.13
C SER A 368 -3.33 27.94 -31.86
N ILE A 369 -2.36 28.55 -31.17
CA ILE A 369 -1.05 28.77 -31.75
C ILE A 369 -0.21 27.49 -31.72
N VAL A 370 -0.89 26.35 -31.81
CA VAL A 370 -0.21 25.06 -31.82
C VAL A 370 -0.85 24.12 -32.84
N HIS A 371 -0.99 24.61 -34.07
CA HIS A 371 -1.59 23.82 -35.14
C HIS A 371 -1.09 24.28 -36.50
N ARG A 372 -0.15 23.54 -37.08
CA ARG A 372 0.41 23.87 -38.38
C ARG A 372 0.19 22.74 -39.38
N LYS A 373 0.10 23.10 -40.66
CA LYS A 373 -0.10 22.12 -41.72
C LYS A 373 1.19 22.05 -42.52
N CYS A 374 1.08 21.63 -43.78
CA CYS A 374 2.24 21.53 -44.66
C CYS A 374 2.64 20.06 -44.64
N ASP B 3 21.55 4.09 30.91
CA ASP B 3 20.64 4.59 29.89
C ASP B 3 20.34 6.09 30.05
N GLU B 4 20.99 6.89 29.19
CA GLU B 4 20.82 8.34 29.16
C GLU B 4 20.87 8.79 27.70
N THR B 5 20.12 9.84 27.38
CA THR B 5 19.93 10.27 25.99
C THR B 5 19.25 9.18 25.13
N THR B 6 18.69 8.19 25.81
CA THR B 6 17.94 7.12 25.13
C THR B 6 16.45 7.43 25.16
N ALA B 7 15.66 6.67 24.42
CA ALA B 7 14.24 6.92 24.31
C ALA B 7 13.43 6.27 25.44
N LEU B 8 12.32 6.90 25.80
CA LEU B 8 11.43 6.36 26.81
C LEU B 8 10.13 5.86 26.18
N VAL B 9 9.60 4.80 26.76
CA VAL B 9 8.35 4.21 26.28
C VAL B 9 7.37 4.18 27.43
N CYS B 10 6.18 4.71 27.20
CA CYS B 10 5.21 4.84 28.26
C CYS B 10 3.82 4.45 27.78
N ASP B 11 3.36 3.28 28.24
CA ASP B 11 2.05 2.77 27.87
C ASP B 11 1.09 2.90 29.05
N ASN B 12 0.11 3.79 28.93
CA ASN B 12 -0.83 4.05 30.02
C ASN B 12 -2.14 3.28 29.88
N GLY B 13 -2.25 2.17 30.59
CA GLY B 13 -3.48 1.40 30.59
C GLY B 13 -4.50 2.00 31.54
N SER B 14 -5.73 1.50 31.46
CA SER B 14 -6.79 1.94 32.33
C SER B 14 -6.47 1.59 33.77
N GLY B 15 -5.86 0.43 33.95
CA GLY B 15 -5.54 -0.05 35.28
C GLY B 15 -4.06 0.02 35.60
N LEU B 16 -3.24 -0.24 34.59
CA LEU B 16 -1.79 -0.34 34.79
C LEU B 16 -1.01 0.60 33.91
N VAL B 17 0.02 1.21 34.48
CA VAL B 17 1.00 1.94 33.70
C VAL B 17 2.24 1.07 33.48
N LYS B 18 2.70 0.97 32.24
CA LYS B 18 3.93 0.27 31.92
C LYS B 18 4.92 1.28 31.37
N ALA B 19 6.12 1.33 31.95
CA ALA B 19 7.10 2.29 31.47
C ALA B 19 8.53 1.76 31.52
N GLY B 20 9.37 2.21 30.61
CA GLY B 20 10.75 1.78 30.60
C GLY B 20 11.58 2.47 29.55
N PHE B 21 12.62 1.80 29.10
CA PHE B 21 13.53 2.35 28.12
C PHE B 21 13.45 1.57 26.82
N ALA B 22 13.49 2.30 25.71
CA ALA B 22 13.51 1.67 24.40
C ALA B 22 14.75 0.83 24.25
N GLY B 23 14.60 -0.36 23.68
CA GLY B 23 15.69 -1.31 23.57
C GLY B 23 15.60 -2.41 24.62
N ASP B 24 14.86 -2.15 25.69
CA ASP B 24 14.72 -3.14 26.78
C ASP B 24 13.61 -4.13 26.46
N ASP B 25 13.77 -5.36 26.94
CA ASP B 25 12.85 -6.44 26.58
C ASP B 25 11.59 -6.41 27.41
N ALA B 26 11.52 -5.46 28.34
CA ALA B 26 10.41 -5.37 29.28
C ALA B 26 10.38 -4.05 30.07
N PRO B 27 9.17 -3.67 30.52
CA PRO B 27 8.92 -2.50 31.37
C PRO B 27 9.69 -2.60 32.69
N ARG B 28 10.52 -1.62 32.99
CA ARG B 28 11.17 -1.56 34.29
C ARG B 28 10.19 -1.15 35.38
N ALA B 29 9.06 -0.57 34.97
CA ALA B 29 8.12 -0.05 35.94
C ALA B 29 6.67 -0.34 35.56
N VAL B 30 5.99 -1.07 36.43
CA VAL B 30 4.58 -1.38 36.26
C VAL B 30 3.84 -1.08 37.55
N PHE B 31 3.03 -0.03 37.52
CA PHE B 31 2.35 0.41 38.73
C PHE B 31 0.91 0.83 38.44
N PRO B 32 0.03 0.69 39.45
CA PRO B 32 -1.38 1.02 39.27
C PRO B 32 -1.59 2.44 38.77
N SER B 33 -2.49 2.56 37.81
CA SER B 33 -2.80 3.82 37.17
C SER B 33 -3.82 4.58 38.02
N ILE B 34 -3.43 4.97 39.22
CA ILE B 34 -4.35 5.67 40.10
C ILE B 34 -3.67 6.78 40.89
N VAL B 35 -4.40 7.86 41.13
CA VAL B 35 -3.88 9.00 41.89
C VAL B 35 -4.78 9.36 43.06
N GLY B 36 -4.21 9.53 44.24
CA GLY B 36 -4.99 9.84 45.43
C GLY B 36 -4.62 11.16 46.08
N ARG B 37 -5.63 11.97 46.37
CA ARG B 37 -5.39 13.25 47.02
C ARG B 37 -6.01 13.21 48.42
N PRO B 38 -5.45 14.01 49.34
CA PRO B 38 -5.91 14.00 50.73
C PRO B 38 -7.42 14.13 50.76
N ARG B 39 -8.10 13.21 51.43
CA ARG B 39 -9.55 13.25 51.49
C ARG B 39 -10.06 14.48 52.22
N HIS B 40 -9.29 14.93 53.21
CA HIS B 40 -9.65 16.11 54.01
C HIS B 40 -8.44 17.01 54.28
N GLN B 41 -8.69 18.22 54.77
CA GLN B 41 -7.60 19.11 55.20
C GLN B 41 -7.99 19.91 56.44
N LYS B 50 2.09 15.40 52.45
CA LYS B 50 2.14 16.08 51.16
C LYS B 50 0.80 16.03 50.42
N ASP B 51 0.77 16.59 49.21
CA ASP B 51 -0.49 16.90 48.53
C ASP B 51 -1.04 15.85 47.55
N SER B 52 -0.22 14.86 47.17
CA SER B 52 -0.66 13.83 46.23
C SER B 52 0.14 12.54 46.33
N TYR B 53 -0.56 11.43 46.13
CA TYR B 53 0.07 10.11 46.04
C TYR B 53 -0.29 9.42 44.73
N VAL B 54 0.59 8.53 44.26
CA VAL B 54 0.31 7.78 43.04
C VAL B 54 0.73 6.34 43.22
N GLY B 55 0.04 5.41 42.57
CA GLY B 55 0.46 4.02 42.52
C GLY B 55 0.22 3.20 43.76
N ASP B 56 1.16 2.30 44.07
CA ASP B 56 1.03 1.37 45.20
C ASP B 56 0.88 2.09 46.53
N GLU B 57 1.51 3.25 46.64
CA GLU B 57 1.52 3.98 47.90
C GLU B 57 0.19 4.64 48.12
N ALA B 58 -0.48 4.96 47.01
CA ALA B 58 -1.78 5.63 47.05
C ALA B 58 -2.85 4.71 47.60
N GLN B 59 -2.78 3.43 47.25
CA GLN B 59 -3.74 2.46 47.77
C GLN B 59 -3.30 1.94 49.14
N SER B 60 -2.01 2.00 49.40
CA SER B 60 -1.50 1.67 50.72
C SER B 60 -2.17 2.57 51.73
N LYS B 61 -2.42 3.82 51.32
CA LYS B 61 -3.05 4.81 52.20
C LYS B 61 -4.44 5.20 51.69
N ARG B 62 -5.09 4.31 50.95
CA ARG B 62 -6.41 4.61 50.38
C ARG B 62 -7.32 5.19 51.45
N GLY B 63 -7.12 4.74 52.68
CA GLY B 63 -7.98 5.06 53.80
C GLY B 63 -8.13 6.53 54.10
N ILE B 64 -7.12 7.34 53.76
CA ILE B 64 -7.16 8.77 54.04
C ILE B 64 -7.10 9.63 52.79
N LEU B 65 -7.43 9.03 51.64
CA LEU B 65 -7.38 9.73 50.37
C LEU B 65 -8.63 9.47 49.54
N THR B 66 -8.85 10.33 48.57
CA THR B 66 -9.83 10.07 47.52
C THR B 66 -9.07 9.56 46.30
N LEU B 67 -9.22 8.28 46.01
CA LEU B 67 -8.54 7.69 44.87
C LEU B 67 -9.30 7.95 43.57
N LYS B 68 -8.56 8.14 42.49
CA LYS B 68 -9.16 8.39 41.20
C LYS B 68 -8.37 7.73 40.08
N TYR B 69 -9.05 7.46 38.97
CA TYR B 69 -8.43 6.81 37.81
C TYR B 69 -8.50 7.74 36.62
N PRO B 70 -7.36 8.32 36.24
CA PRO B 70 -7.31 9.23 35.10
C PRO B 70 -7.75 8.54 33.82
N ILE B 71 -7.49 7.24 33.71
CA ILE B 71 -7.78 6.50 32.49
C ILE B 71 -9.02 5.66 32.64
N GLU B 72 -10.08 6.05 31.95
CA GLU B 72 -11.33 5.30 31.96
C GLU B 72 -11.70 4.84 30.56
N GLY B 74 -9.73 3.24 28.67
CA GLY B 74 -8.51 3.40 27.90
C GLY B 74 -8.27 4.83 27.46
N ILE B 75 -9.23 5.70 27.76
CA ILE B 75 -9.17 7.11 27.38
C ILE B 75 -8.84 7.98 28.59
N ILE B 76 -7.97 8.98 28.39
CA ILE B 76 -7.63 9.91 29.47
C ILE B 76 -8.78 10.87 29.76
N THR B 77 -9.24 10.93 30.99
CA THR B 77 -10.39 11.78 31.30
C THR B 77 -10.05 12.86 32.32
N ASN B 78 -9.01 12.63 33.11
CA ASN B 78 -8.60 13.61 34.10
C ASN B 78 -7.17 14.05 33.82
N TRP B 79 -7.03 15.23 33.22
CA TRP B 79 -5.72 15.67 32.78
C TRP B 79 -4.79 16.08 33.92
N ASP B 80 -5.34 16.65 34.99
CA ASP B 80 -4.54 16.98 36.16
C ASP B 80 -3.95 15.74 36.78
N ASP B 81 -4.79 14.74 37.01
CA ASP B 81 -4.35 13.50 37.62
C ASP B 81 -3.37 12.78 36.71
N MET B 82 -3.65 12.81 35.42
CA MET B 82 -2.76 12.21 34.43
C MET B 82 -1.36 12.82 34.50
N GLU B 83 -1.30 14.13 34.74
CA GLU B 83 -0.01 14.79 34.92
C GLU B 83 0.76 14.20 36.10
N LYS B 84 0.05 13.97 37.20
CA LYS B 84 0.70 13.45 38.40
C LYS B 84 1.27 12.07 38.13
N ILE B 85 0.60 11.33 37.25
CA ILE B 85 1.03 9.99 36.89
C ILE B 85 2.32 10.03 36.11
N TRP B 86 2.34 10.87 35.07
CA TRP B 86 3.55 11.06 34.30
C TRP B 86 4.71 11.60 35.15
N HIS B 87 4.43 12.52 36.07
CA HIS B 87 5.48 12.99 36.96
C HIS B 87 6.07 11.82 37.73
N HIS B 88 5.18 11.07 38.37
CA HIS B 88 5.59 9.92 39.16
C HIS B 88 6.34 8.92 38.28
N THR B 89 5.96 8.84 37.01
CA THR B 89 6.63 7.91 36.11
C THR B 89 8.09 8.32 35.93
N PHE B 90 8.32 9.54 35.46
CA PHE B 90 9.68 10.03 35.23
C PHE B 90 10.47 10.17 36.52
N TYR B 91 10.02 11.05 37.42
CA TYR B 91 10.83 11.39 38.59
C TYR B 91 10.97 10.22 39.57
N ASN B 92 9.88 9.52 39.83
CA ASN B 92 9.84 8.54 40.92
C ASN B 92 10.01 7.08 40.55
N GLU B 93 9.77 6.71 39.30
CA GLU B 93 9.88 5.30 38.90
C GLU B 93 11.14 5.04 38.08
N LEU B 94 11.25 5.76 36.97
CA LEU B 94 12.37 5.61 36.06
C LEU B 94 13.58 6.40 36.53
N ARG B 95 13.33 7.37 37.40
CA ARG B 95 14.35 8.28 37.90
C ARG B 95 15.09 8.95 36.75
N VAL B 96 14.35 9.63 35.89
CA VAL B 96 14.94 10.31 34.74
C VAL B 96 14.42 11.73 34.62
N ALA B 97 15.07 12.52 33.77
CA ALA B 97 14.60 13.86 33.44
C ALA B 97 14.00 13.84 32.03
N PRO B 98 12.73 14.20 31.92
CA PRO B 98 12.00 14.15 30.65
C PRO B 98 12.68 14.97 29.54
N GLU B 99 13.34 16.07 29.90
CA GLU B 99 13.85 17.00 28.89
C GLU B 99 15.08 16.50 28.15
N GLU B 100 15.59 15.34 28.53
CA GLU B 100 16.72 14.76 27.80
C GLU B 100 16.43 13.37 27.26
N HIS B 101 15.15 13.05 27.11
CA HIS B 101 14.73 11.77 26.56
C HIS B 101 13.55 11.90 25.61
N PRO B 102 13.74 11.54 24.34
CA PRO B 102 12.55 11.41 23.48
C PRO B 102 11.59 10.44 24.15
N THR B 103 10.30 10.74 24.13
CA THR B 103 9.32 9.90 24.83
C THR B 103 8.19 9.44 23.94
N LEU B 104 8.07 8.12 23.77
CA LEU B 104 6.96 7.56 22.99
C LEU B 104 5.81 7.24 23.92
N LEU B 105 4.60 7.62 23.52
CA LEU B 105 3.42 7.38 24.34
C LEU B 105 2.37 6.61 23.56
N THR B 106 1.46 5.98 24.29
CA THR B 106 0.48 5.12 23.66
C THR B 106 -0.93 5.62 23.94
N GLU B 107 -1.83 5.32 23.01
CA GLU B 107 -3.20 5.78 23.10
C GLU B 107 -4.18 4.69 22.67
N ALA B 108 -5.44 4.83 23.04
CA ALA B 108 -6.45 3.86 22.66
C ALA B 108 -6.86 4.07 21.22
N PRO B 109 -7.28 3.00 20.56
CA PRO B 109 -7.99 3.15 19.29
C PRO B 109 -9.10 4.19 19.48
N LEU B 110 -9.38 4.97 18.45
CA LEU B 110 -10.50 5.90 18.48
C LEU B 110 -10.33 7.00 19.51
N ASN B 111 -9.08 7.31 19.82
CA ASN B 111 -8.80 8.41 20.72
C ASN B 111 -9.12 9.71 20.01
N PRO B 112 -10.01 10.53 20.59
CA PRO B 112 -10.37 11.82 19.98
C PRO B 112 -9.14 12.68 19.70
N LYS B 113 -9.18 13.47 18.63
CA LYS B 113 -8.02 14.26 18.22
C LYS B 113 -7.65 15.30 19.26
N ALA B 114 -8.65 15.84 19.94
CA ALA B 114 -8.41 16.87 20.94
C ALA B 114 -7.59 16.32 22.11
N ASN B 115 -7.78 15.03 22.38
CA ASN B 115 -7.03 14.32 23.42
C ASN B 115 -5.57 14.17 23.05
N ARG B 116 -5.33 13.63 21.86
CA ARG B 116 -3.98 13.42 21.36
C ARG B 116 -3.22 14.74 21.42
N GLU B 117 -3.86 15.82 20.98
CA GLU B 117 -3.21 17.11 20.93
C GLU B 117 -2.98 17.64 22.32
N LYS B 118 -3.92 17.37 23.22
CA LYS B 118 -3.81 17.83 24.59
C LYS B 118 -2.62 17.17 25.24
N MET B 119 -2.42 15.90 24.89
CA MET B 119 -1.32 15.12 25.40
C MET B 119 0.01 15.59 24.83
N THR B 120 0.06 15.78 23.51
CA THR B 120 1.26 16.30 22.87
C THR B 120 1.63 17.64 23.48
N GLN B 121 0.60 18.42 23.79
CA GLN B 121 0.76 19.79 24.27
C GLN B 121 1.34 19.84 25.69
N ILE B 122 0.97 18.86 26.50
CA ILE B 122 1.48 18.78 27.86
C ILE B 122 2.91 18.29 27.87
N MET B 123 3.16 17.23 27.11
CA MET B 123 4.48 16.65 26.99
C MET B 123 5.51 17.69 26.64
N PHE B 124 5.13 18.62 25.77
CA PHE B 124 6.07 19.64 25.34
C PHE B 124 6.14 20.80 26.32
N GLU B 125 5.02 21.48 26.55
CA GLU B 125 5.02 22.65 27.42
C GLU B 125 5.36 22.34 28.87
N THR B 126 4.77 21.28 29.42
CA THR B 126 4.95 21.00 30.85
C THR B 126 6.19 20.15 31.17
N PHE B 127 6.45 19.13 30.36
CA PHE B 127 7.58 18.24 30.63
C PHE B 127 8.81 18.59 29.80
N ASN B 128 8.61 19.32 28.71
CA ASN B 128 9.73 19.80 27.91
C ASN B 128 10.61 18.69 27.36
N VAL B 129 9.98 17.59 26.96
CA VAL B 129 10.70 16.49 26.33
C VAL B 129 11.19 16.98 24.97
N PRO B 130 12.37 16.53 24.54
CA PRO B 130 12.96 17.01 23.28
C PRO B 130 12.14 16.58 22.08
N ALA B 131 11.61 15.37 22.13
CA ALA B 131 10.85 14.78 21.03
C ALA B 131 9.81 13.81 21.56
N MET B 132 8.73 13.60 20.82
CA MET B 132 7.72 12.65 21.24
C MET B 132 6.96 12.03 20.08
N TYR B 133 6.26 10.95 20.38
CA TYR B 133 5.44 10.27 19.39
C TYR B 133 4.25 9.63 20.08
N VAL B 134 3.09 9.65 19.44
CA VAL B 134 1.95 8.92 19.97
C VAL B 134 1.61 7.78 19.03
N ALA B 135 1.56 6.57 19.58
CA ALA B 135 1.24 5.40 18.80
C ALA B 135 0.03 4.69 19.39
N ILE B 136 -0.77 4.06 18.52
CA ILE B 136 -1.97 3.32 18.94
C ILE B 136 -1.62 1.95 19.53
N GLN B 137 -2.00 1.72 20.78
CA GLN B 137 -1.62 0.52 21.53
C GLN B 137 -1.72 -0.79 20.75
N ALA B 138 -2.87 -1.04 20.13
CA ALA B 138 -3.06 -2.27 19.39
C ALA B 138 -1.96 -2.49 18.35
N VAL B 139 -1.64 -1.44 17.60
CA VAL B 139 -0.60 -1.52 16.57
C VAL B 139 0.73 -2.03 17.15
N LEU B 140 1.14 -1.48 18.28
CA LEU B 140 2.38 -1.89 18.91
C LEU B 140 2.38 -3.38 19.18
N SER B 141 1.26 -3.89 19.69
CA SER B 141 1.13 -5.32 19.96
C SER B 141 1.44 -6.08 18.69
N LEU B 142 0.81 -5.68 17.59
CA LEU B 142 1.02 -6.32 16.30
C LEU B 142 2.49 -6.30 15.92
N TYR B 143 3.09 -5.11 15.99
CA TYR B 143 4.52 -4.98 15.75
C TYR B 143 5.29 -5.97 16.59
N ALA B 144 4.98 -6.06 17.87
CA ALA B 144 5.74 -6.92 18.77
C ALA B 144 5.83 -8.35 18.23
N SER B 145 4.79 -8.77 17.51
CA SER B 145 4.73 -10.12 16.95
C SER B 145 5.49 -10.25 15.63
N GLY B 146 5.90 -9.12 15.06
CA GLY B 146 6.70 -9.12 13.85
C GLY B 146 5.86 -9.02 12.60
N ARG B 147 4.66 -8.48 12.76
CA ARG B 147 3.73 -8.33 11.65
C ARG B 147 3.36 -6.87 11.47
N THR B 148 2.90 -6.52 10.28
CA THR B 148 2.40 -5.18 10.01
C THR B 148 0.97 -5.25 9.45
N THR B 149 0.43 -6.46 9.41
CA THR B 149 -0.93 -6.72 8.94
C THR B 149 -1.56 -7.83 9.79
N GLY B 150 -2.78 -7.58 10.28
CA GLY B 150 -3.50 -8.53 11.09
C GLY B 150 -4.56 -7.86 11.93
N ILE B 151 -5.23 -8.63 12.77
CA ILE B 151 -6.28 -8.07 13.62
C ILE B 151 -5.96 -8.38 15.06
N VAL B 152 -5.84 -7.33 15.86
CA VAL B 152 -5.46 -7.45 17.26
C VAL B 152 -6.68 -7.55 18.16
N LEU B 153 -6.55 -8.35 19.21
CA LEU B 153 -7.53 -8.34 20.28
C LEU B 153 -6.82 -7.85 21.51
N ASP B 154 -7.01 -6.59 21.83
CA ASP B 154 -6.36 -6.03 23.00
C ASP B 154 -7.38 -5.95 24.12
N SER B 155 -7.08 -6.60 25.23
CA SER B 155 -7.98 -6.57 26.38
C SER B 155 -7.18 -6.38 27.64
N GLY B 156 -7.32 -5.20 28.23
CA GLY B 156 -6.62 -4.86 29.45
C GLY B 156 -7.53 -4.88 30.66
N ASP B 157 -7.42 -3.86 31.49
CA ASP B 157 -8.19 -3.83 32.71
C ASP B 157 -9.54 -3.16 32.51
N GLY B 158 -9.58 -2.17 31.63
CA GLY B 158 -10.78 -1.35 31.49
C GLY B 158 -11.63 -1.55 30.25
N VAL B 159 -10.99 -1.86 29.12
CA VAL B 159 -11.70 -1.98 27.84
C VAL B 159 -11.10 -3.06 26.94
N THR B 160 -11.88 -3.47 25.94
CA THR B 160 -11.44 -4.46 24.94
C THR B 160 -11.67 -3.94 23.53
N HIS B 161 -10.66 -4.00 22.67
CA HIS B 161 -10.84 -3.62 21.27
C HIS B 161 -10.47 -4.73 20.29
N ASN B 162 -11.16 -4.74 19.17
CA ASN B 162 -10.69 -5.45 17.99
C ASN B 162 -10.15 -4.40 17.03
N VAL B 163 -8.89 -4.53 16.64
CA VAL B 163 -8.28 -3.55 15.74
C VAL B 163 -7.71 -4.20 14.49
N PRO B 164 -8.37 -4.00 13.34
CA PRO B 164 -7.84 -4.44 12.04
C PRO B 164 -6.76 -3.48 11.53
N ILE B 165 -5.63 -4.02 11.12
CA ILE B 165 -4.48 -3.22 10.69
C ILE B 165 -3.90 -3.72 9.37
N TYR B 166 -3.63 -2.79 8.46
CA TYR B 166 -3.11 -3.16 7.16
C TYR B 166 -1.94 -2.27 6.82
N GLU B 167 -0.76 -2.89 6.77
CA GLU B 167 0.48 -2.20 6.44
C GLU B 167 0.77 -1.03 7.37
N GLY B 168 0.74 -1.33 8.67
CA GLY B 168 1.08 -0.36 9.70
C GLY B 168 -0.01 0.62 10.04
N TYR B 169 -1.06 0.66 9.24
CA TYR B 169 -2.15 1.59 9.49
C TYR B 169 -3.38 0.83 9.98
N ALA B 170 -3.99 1.34 11.05
CA ALA B 170 -5.23 0.78 11.57
C ALA B 170 -6.38 1.19 10.66
N LEU B 171 -7.51 0.49 10.79
CA LEU B 171 -8.69 0.79 10.00
C LEU B 171 -9.86 1.20 10.90
N PRO B 172 -10.05 2.51 11.08
CA PRO B 172 -10.95 3.08 12.10
C PRO B 172 -12.42 2.71 11.87
N HIS B 173 -12.81 2.53 10.62
CA HIS B 173 -14.19 2.20 10.31
C HIS B 173 -14.53 0.81 10.82
N ALA B 174 -13.49 -0.01 11.03
CA ALA B 174 -13.68 -1.43 11.34
C ALA B 174 -13.34 -1.81 12.79
N ILE B 175 -13.05 -0.81 13.62
CA ILE B 175 -12.69 -1.06 15.00
C ILE B 175 -13.91 -1.39 15.86
N MET B 176 -13.82 -2.46 16.66
CA MET B 176 -14.90 -2.81 17.57
C MET B 176 -14.48 -2.58 19.03
N ARG B 177 -15.25 -1.76 19.76
CA ARG B 177 -14.96 -1.50 21.17
C ARG B 177 -15.95 -2.23 22.07
N LEU B 178 -15.43 -2.73 23.20
CA LEU B 178 -16.21 -3.55 24.12
C LEU B 178 -15.86 -3.16 25.55
N ASP B 179 -16.77 -2.49 26.24
CA ASP B 179 -16.48 -1.97 27.57
C ASP B 179 -16.49 -3.04 28.66
N LEU B 180 -15.83 -4.15 28.36
CA LEU B 180 -15.79 -5.29 29.25
C LEU B 180 -14.37 -5.80 29.29
N ALA B 181 -13.72 -5.67 30.45
CA ALA B 181 -12.38 -6.19 30.60
C ALA B 181 -12.16 -6.79 31.99
N GLY B 182 -10.90 -6.91 32.38
CA GLY B 182 -10.53 -7.60 33.60
C GLY B 182 -11.09 -7.02 34.88
N ARG B 183 -11.29 -5.71 34.90
CA ARG B 183 -11.80 -5.03 36.09
C ARG B 183 -13.22 -5.50 36.42
N ASP B 184 -13.96 -5.90 35.41
CA ASP B 184 -15.34 -6.37 35.60
C ASP B 184 -15.40 -7.88 35.74
N LEU B 185 -14.32 -8.55 35.35
CA LEU B 185 -14.26 -10.01 35.41
C LEU B 185 -13.92 -10.36 36.85
N THR B 186 -13.02 -9.58 37.42
CA THR B 186 -12.68 -9.68 38.82
C THR B 186 -13.92 -9.38 39.65
N ASP B 187 -14.71 -8.42 39.19
CA ASP B 187 -15.94 -8.09 39.87
C ASP B 187 -16.86 -9.31 39.84
N TYR B 188 -17.09 -9.84 38.64
CA TYR B 188 -17.94 -11.00 38.48
C TYR B 188 -17.54 -12.15 39.38
N LEU B 189 -16.24 -12.42 39.44
CA LEU B 189 -15.73 -13.52 40.24
C LEU B 189 -15.94 -13.27 41.73
N MET B 190 -15.67 -12.04 42.15
CA MET B 190 -15.92 -11.63 43.52
C MET B 190 -17.38 -11.87 43.89
N LYS B 191 -18.27 -11.55 42.95
CA LYS B 191 -19.70 -11.74 43.16
C LYS B 191 -20.04 -13.20 43.43
N ILE B 192 -19.79 -14.04 42.44
CA ILE B 192 -20.07 -15.47 42.55
C ILE B 192 -19.46 -16.05 43.83
N LEU B 193 -18.14 -15.95 43.96
CA LEU B 193 -17.44 -16.46 45.13
C LEU B 193 -18.25 -16.24 46.40
N THR B 194 -18.80 -15.04 46.53
CA THR B 194 -19.50 -14.64 47.74
C THR B 194 -20.85 -15.32 47.81
N GLU B 195 -21.50 -15.45 46.65
CA GLU B 195 -22.79 -16.10 46.58
C GLU B 195 -22.72 -17.56 47.04
N ARG B 196 -21.54 -17.96 47.49
CA ARG B 196 -21.33 -19.33 47.95
C ARG B 196 -20.78 -19.33 49.37
N GLY B 197 -21.04 -18.25 50.10
CA GLY B 197 -20.58 -18.12 51.46
C GLY B 197 -19.20 -17.58 51.79
N TYR B 198 -18.57 -16.96 50.81
CA TYR B 198 -17.23 -16.39 50.99
C TYR B 198 -17.29 -14.88 51.17
N SER B 199 -17.20 -14.43 52.42
CA SER B 199 -17.24 -13.01 52.72
C SER B 199 -16.08 -12.26 52.05
N PHE B 200 -16.41 -11.46 51.05
CA PHE B 200 -15.39 -10.70 50.33
C PHE B 200 -15.79 -9.23 50.22
N VAL B 201 -14.86 -8.35 50.55
CA VAL B 201 -15.12 -6.91 50.49
C VAL B 201 -13.93 -6.34 49.73
N THR B 202 -13.70 -5.04 49.87
CA THR B 202 -12.59 -4.38 49.19
C THR B 202 -11.32 -4.07 49.97
N THR B 203 -11.44 -3.99 51.29
CA THR B 203 -10.29 -3.70 52.14
C THR B 203 -9.02 -4.33 51.59
N ALA B 204 -9.05 -5.66 51.44
CA ALA B 204 -7.90 -6.39 50.93
C ALA B 204 -8.37 -7.58 50.08
N GLU B 205 -9.62 -7.95 50.24
CA GLU B 205 -10.20 -9.06 49.48
C GLU B 205 -10.07 -8.82 47.98
N ARG B 206 -10.64 -7.72 47.52
CA ARG B 206 -10.58 -7.36 46.10
C ARG B 206 -9.24 -7.76 45.50
N GLU B 207 -8.19 -7.64 46.30
CA GLU B 207 -6.85 -8.01 45.85
C GLU B 207 -6.72 -9.51 45.65
N ILE B 208 -7.19 -10.28 46.62
CA ILE B 208 -7.14 -11.73 46.55
C ILE B 208 -7.96 -12.25 45.38
N VAL B 209 -9.18 -11.74 45.26
CA VAL B 209 -10.07 -12.16 44.17
C VAL B 209 -9.38 -12.01 42.81
N ARG B 210 -8.51 -11.01 42.69
CA ARG B 210 -7.78 -10.80 41.45
C ARG B 210 -6.69 -11.84 41.27
N ASP B 211 -6.04 -12.21 42.37
CA ASP B 211 -4.98 -13.21 42.31
C ASP B 211 -5.56 -14.58 41.97
N ILE B 212 -6.67 -14.90 42.61
CA ILE B 212 -7.38 -16.14 42.27
C ILE B 212 -7.70 -16.14 40.79
N LYS B 213 -8.13 -15.00 40.28
CA LYS B 213 -8.47 -14.88 38.87
C LYS B 213 -7.30 -15.27 37.98
N GLU B 214 -6.13 -14.68 38.22
CA GLU B 214 -5.00 -14.87 37.33
C GLU B 214 -4.29 -16.20 37.59
N LYS B 215 -4.56 -16.82 38.73
CA LYS B 215 -3.93 -18.08 39.08
C LYS B 215 -4.78 -19.29 38.69
N LEU B 216 -6.10 -19.16 38.79
CA LEU B 216 -6.98 -20.34 38.70
C LEU B 216 -7.95 -20.33 37.53
N CYS B 217 -8.30 -19.15 37.03
CA CYS B 217 -9.26 -19.07 35.95
C CYS B 217 -8.67 -19.52 34.61
N TYR B 218 -9.53 -20.05 33.75
CA TYR B 218 -9.14 -20.48 32.44
C TYR B 218 -10.38 -20.53 31.60
N VAL B 219 -10.20 -20.72 30.29
CA VAL B 219 -11.32 -20.73 29.37
C VAL B 219 -11.65 -22.16 28.96
N ALA B 220 -12.93 -22.50 28.93
CA ALA B 220 -13.36 -23.80 28.49
C ALA B 220 -13.41 -23.82 26.98
N LEU B 221 -13.01 -24.94 26.39
CA LEU B 221 -13.06 -25.10 24.95
C LEU B 221 -14.52 -25.28 24.57
N ASP B 222 -15.26 -25.93 25.47
CA ASP B 222 -16.69 -26.14 25.28
C ASP B 222 -17.39 -25.93 26.62
N PHE B 223 -17.97 -24.74 26.79
CA PHE B 223 -18.58 -24.35 28.06
C PHE B 223 -19.65 -25.32 28.56
N GLU B 224 -20.63 -25.61 27.70
CA GLU B 224 -21.66 -26.58 28.05
C GLU B 224 -21.01 -27.91 28.42
N ASN B 225 -20.07 -28.34 27.60
CA ASN B 225 -19.39 -29.59 27.86
C ASN B 225 -18.55 -29.56 29.14
N GLU B 226 -17.89 -28.42 29.37
CA GLU B 226 -17.04 -28.27 30.56
C GLU B 226 -17.86 -28.21 31.85
N MET B 227 -19.06 -27.67 31.78
CA MET B 227 -19.93 -27.62 32.95
C MET B 227 -20.27 -29.05 33.40
N ALA B 228 -20.63 -29.90 32.44
CA ALA B 228 -21.01 -31.27 32.73
C ALA B 228 -19.86 -32.04 33.40
N THR B 229 -18.63 -31.71 33.01
CA THR B 229 -17.48 -32.38 33.61
C THR B 229 -17.37 -32.03 35.08
N ALA B 230 -17.45 -30.73 35.40
CA ALA B 230 -17.33 -30.25 36.77
C ALA B 230 -18.57 -30.56 37.62
N ALA B 231 -19.55 -31.20 36.99
CA ALA B 231 -20.78 -31.59 37.65
C ALA B 231 -20.77 -33.08 38.01
N SER B 232 -19.98 -33.85 37.27
CA SER B 232 -19.96 -35.30 37.43
C SER B 232 -18.70 -35.81 38.12
N SER B 233 -17.67 -34.96 38.20
CA SER B 233 -16.44 -35.31 38.92
C SER B 233 -15.78 -34.09 39.54
N SER B 234 -14.62 -34.30 40.17
CA SER B 234 -13.86 -33.22 40.81
C SER B 234 -12.53 -33.01 40.06
N SER B 235 -12.49 -33.58 38.87
CA SER B 235 -11.48 -33.33 37.85
C SER B 235 -10.96 -31.89 37.87
N LEU B 236 -11.88 -30.94 37.97
CA LEU B 236 -11.58 -29.53 37.75
C LEU B 236 -11.53 -28.66 39.01
N GLU B 237 -11.74 -29.28 40.18
CA GLU B 237 -11.61 -28.55 41.43
C GLU B 237 -10.16 -28.08 41.59
N LYS B 238 -9.98 -26.92 42.17
CA LYS B 238 -8.66 -26.47 42.55
C LYS B 238 -8.78 -25.72 43.84
N SER B 239 -7.69 -25.59 44.57
CA SER B 239 -7.78 -24.98 45.90
C SER B 239 -6.89 -23.75 46.09
N TYR B 240 -7.33 -22.86 46.98
CA TYR B 240 -6.63 -21.63 47.26
C TYR B 240 -6.70 -21.28 48.75
N GLU B 241 -5.56 -21.29 49.42
CA GLU B 241 -5.51 -20.92 50.83
C GLU B 241 -5.34 -19.41 51.00
N LEU B 242 -6.33 -18.79 51.64
CA LEU B 242 -6.25 -17.38 51.94
C LEU B 242 -5.17 -17.22 52.96
N PRO B 243 -4.84 -15.99 53.27
CA PRO B 243 -3.75 -15.73 54.19
C PRO B 243 -4.30 -15.87 55.57
N ASP B 244 -5.53 -15.43 55.76
CA ASP B 244 -6.18 -15.65 57.03
C ASP B 244 -5.87 -17.05 57.47
N GLY B 245 -5.93 -17.97 56.53
CA GLY B 245 -5.77 -19.38 56.79
C GLY B 245 -6.82 -20.21 56.06
N GLN B 246 -8.07 -19.75 56.15
CA GLN B 246 -9.21 -20.41 55.53
C GLN B 246 -8.92 -20.82 54.09
N VAL B 247 -8.89 -22.14 53.85
CA VAL B 247 -8.72 -22.63 52.50
C VAL B 247 -10.07 -22.64 51.79
N ILE B 248 -10.07 -22.45 50.49
CA ILE B 248 -11.31 -22.50 49.72
C ILE B 248 -11.10 -23.29 48.43
N THR B 249 -12.17 -23.91 47.95
CA THR B 249 -12.08 -24.73 46.76
C THR B 249 -12.90 -24.11 45.64
N ILE B 250 -12.37 -24.18 44.43
CA ILE B 250 -13.07 -23.71 43.25
C ILE B 250 -13.22 -24.82 42.24
N GLY B 251 -14.32 -24.78 41.48
CA GLY B 251 -14.58 -25.76 40.45
C GLY B 251 -14.95 -25.10 39.13
N ASN B 252 -16.24 -25.10 38.80
CA ASN B 252 -16.71 -24.52 37.55
C ASN B 252 -16.54 -23.00 37.50
N GLU B 253 -16.27 -22.40 38.66
CA GLU B 253 -16.02 -20.96 38.74
C GLU B 253 -14.74 -20.58 38.02
N ARG B 254 -13.82 -21.52 37.88
CA ARG B 254 -12.56 -21.26 37.22
C ARG B 254 -12.76 -20.88 35.75
N PHE B 255 -13.75 -21.49 35.11
CA PHE B 255 -14.00 -21.22 33.69
C PHE B 255 -15.25 -20.40 33.39
N ARG B 256 -16.13 -20.26 34.38
CA ARG B 256 -17.33 -19.45 34.22
C ARG B 256 -17.02 -17.97 34.23
N CYS B 257 -15.97 -17.60 34.94
CA CYS B 257 -15.60 -16.20 35.03
C CYS B 257 -15.07 -15.68 33.68
N PRO B 258 -14.10 -16.36 33.07
CA PRO B 258 -13.64 -15.89 31.76
C PRO B 258 -14.69 -16.03 30.66
N GLU B 259 -15.64 -16.95 30.82
CA GLU B 259 -16.66 -17.14 29.81
C GLU B 259 -17.38 -15.84 29.49
N THR B 260 -17.33 -14.89 30.41
CA THR B 260 -18.02 -13.62 30.25
C THR B 260 -17.54 -12.88 28.99
N LEU B 261 -16.34 -13.18 28.55
CA LEU B 261 -15.76 -12.57 27.35
C LEU B 261 -16.44 -13.04 26.07
N PHE B 262 -16.99 -14.24 26.12
CA PHE B 262 -17.69 -14.81 24.98
C PHE B 262 -19.18 -14.67 25.17
N GLN B 263 -19.62 -14.61 26.41
CA GLN B 263 -21.02 -14.39 26.75
C GLN B 263 -21.17 -13.27 27.75
N PRO B 264 -21.17 -12.01 27.28
CA PRO B 264 -21.36 -10.84 28.15
C PRO B 264 -22.66 -10.87 28.94
N SER B 265 -23.65 -11.62 28.48
CA SER B 265 -24.91 -11.73 29.19
C SER B 265 -24.74 -12.38 30.56
N PHE B 266 -23.49 -12.64 30.96
CA PHE B 266 -23.20 -13.16 32.29
C PHE B 266 -23.15 -12.05 33.34
N ILE B 267 -22.74 -10.86 32.90
CA ILE B 267 -22.83 -9.68 33.75
C ILE B 267 -23.95 -8.79 33.25
N GLY B 268 -24.83 -9.38 32.43
CA GLY B 268 -26.03 -8.71 31.98
C GLY B 268 -25.80 -7.62 30.94
N MET B 269 -24.75 -7.79 30.15
CA MET B 269 -24.51 -6.89 29.05
C MET B 269 -25.08 -7.49 27.77
N GLU B 270 -26.03 -6.79 27.17
CA GLU B 270 -26.64 -7.26 25.93
C GLU B 270 -25.73 -6.97 24.73
N SER B 271 -24.42 -7.01 24.96
CA SER B 271 -23.43 -6.88 23.90
C SER B 271 -23.05 -8.27 23.38
N ALA B 272 -22.20 -8.34 22.38
CA ALA B 272 -21.80 -9.62 21.80
C ALA B 272 -20.37 -9.97 22.18
N GLY B 273 -20.03 -11.26 22.16
CA GLY B 273 -18.74 -11.72 22.65
C GLY B 273 -17.55 -11.39 21.76
N ILE B 274 -16.35 -11.53 22.30
CA ILE B 274 -15.13 -11.17 21.57
C ILE B 274 -14.91 -11.97 20.30
N HIS B 275 -15.48 -13.17 20.21
CA HIS B 275 -15.38 -13.93 18.98
C HIS B 275 -16.24 -13.26 17.91
N GLU B 276 -17.44 -12.88 18.30
CA GLU B 276 -18.33 -12.21 17.37
C GLU B 276 -17.78 -10.86 16.92
N THR B 277 -17.36 -10.04 17.87
CA THR B 277 -16.81 -8.73 17.53
C THR B 277 -15.55 -8.87 16.68
N THR B 278 -14.81 -9.96 16.89
CA THR B 278 -13.63 -10.22 16.08
C THR B 278 -14.06 -10.54 14.66
N TYR B 279 -15.11 -11.35 14.53
CA TYR B 279 -15.61 -11.75 13.23
C TYR B 279 -16.27 -10.55 12.55
N ASN B 280 -17.07 -9.80 13.31
CA ASN B 280 -17.72 -8.61 12.80
C ASN B 280 -16.72 -7.57 12.32
N SER B 281 -15.63 -7.44 13.07
CA SER B 281 -14.58 -6.49 12.75
C SER B 281 -13.92 -6.83 11.41
N ILE B 282 -13.64 -8.12 11.20
CA ILE B 282 -13.06 -8.56 9.94
C ILE B 282 -14.03 -8.33 8.79
N MET B 283 -15.28 -8.78 8.97
CA MET B 283 -16.34 -8.57 7.99
C MET B 283 -16.47 -7.11 7.58
N LYS B 284 -16.03 -6.21 8.45
CA LYS B 284 -16.12 -4.77 8.21
C LYS B 284 -15.00 -4.29 7.30
N CYS B 285 -14.11 -5.20 6.92
CA CYS B 285 -12.94 -4.86 6.13
C CYS B 285 -13.03 -5.27 4.66
N ASP B 286 -12.12 -4.72 3.86
CA ASP B 286 -11.98 -5.05 2.45
C ASP B 286 -11.91 -6.57 2.28
N ILE B 287 -12.70 -7.11 1.36
CA ILE B 287 -12.78 -8.56 1.21
C ILE B 287 -11.45 -9.20 0.79
N ASP B 288 -10.54 -8.37 0.29
CA ASP B 288 -9.28 -8.87 -0.24
C ASP B 288 -8.20 -9.03 0.83
N ILE B 289 -8.42 -8.39 1.98
CA ILE B 289 -7.45 -8.47 3.07
C ILE B 289 -7.93 -9.34 4.23
N ARG B 290 -9.12 -9.91 4.09
CA ARG B 290 -9.67 -10.78 5.12
C ARG B 290 -8.81 -12.02 5.29
N LYS B 291 -8.35 -12.59 4.19
CA LYS B 291 -7.44 -13.73 4.24
C LYS B 291 -6.29 -13.43 5.21
N ASP B 292 -5.58 -12.33 4.96
CA ASP B 292 -4.45 -11.91 5.81
C ASP B 292 -4.85 -11.75 7.28
N LEU B 293 -6.03 -11.19 7.51
CA LEU B 293 -6.50 -10.92 8.86
C LEU B 293 -6.85 -12.20 9.62
N TYR B 294 -7.64 -13.06 8.99
CA TYR B 294 -8.04 -14.31 9.62
C TYR B 294 -6.82 -15.11 10.08
N ALA B 295 -5.73 -15.02 9.33
CA ALA B 295 -4.54 -15.81 9.63
C ALA B 295 -3.55 -15.03 10.49
N ASN B 296 -4.00 -13.93 11.06
CA ASN B 296 -3.14 -13.11 11.91
C ASN B 296 -3.87 -12.44 13.06
N ASN B 297 -4.56 -13.24 13.87
CA ASN B 297 -5.13 -12.76 15.12
C ASN B 297 -4.06 -12.69 16.17
N VAL B 298 -3.62 -11.48 16.49
CA VAL B 298 -2.67 -11.29 17.56
C VAL B 298 -3.40 -10.82 18.80
N MET B 299 -3.19 -11.50 19.92
CA MET B 299 -3.82 -11.13 21.16
C MET B 299 -2.87 -10.41 22.12
N SER B 300 -3.35 -9.31 22.70
CA SER B 300 -2.55 -8.60 23.67
C SER B 300 -3.40 -8.17 24.86
N GLY B 301 -2.70 -7.80 25.93
CA GLY B 301 -3.38 -7.38 27.14
C GLY B 301 -3.32 -8.47 28.19
N GLY B 302 -3.59 -8.11 29.43
CA GLY B 302 -3.50 -9.05 30.54
C GLY B 302 -4.73 -9.91 30.65
N THR B 303 -5.82 -9.50 30.02
CA THR B 303 -7.07 -10.25 30.09
C THR B 303 -7.11 -11.32 29.02
N THR B 304 -6.09 -11.35 28.16
CA THR B 304 -5.99 -12.42 27.18
C THR B 304 -5.09 -13.57 27.67
N MET B 305 -4.59 -13.43 28.90
CA MET B 305 -3.61 -14.36 29.47
C MET B 305 -4.20 -15.69 29.93
N TYR B 306 -5.50 -15.84 29.83
CA TYR B 306 -6.16 -17.05 30.33
C TYR B 306 -5.75 -18.25 29.50
N PRO B 307 -5.34 -19.34 30.18
CA PRO B 307 -5.08 -20.60 29.48
C PRO B 307 -6.33 -21.05 28.74
N GLY B 308 -6.16 -21.57 27.52
CA GLY B 308 -7.29 -22.06 26.74
C GLY B 308 -7.99 -21.02 25.87
N ILE B 309 -7.69 -19.75 26.07
CA ILE B 309 -8.36 -18.71 25.30
C ILE B 309 -7.97 -18.72 23.83
N ALA B 310 -6.74 -19.12 23.54
CA ALA B 310 -6.26 -19.15 22.17
C ALA B 310 -7.06 -20.15 21.33
N ASP B 311 -7.26 -21.34 21.89
CA ASP B 311 -7.91 -22.42 21.15
C ASP B 311 -9.41 -22.26 21.12
N ARG B 312 -9.97 -21.62 22.15
CA ARG B 312 -11.39 -21.36 22.16
C ARG B 312 -11.67 -20.41 21.00
N MET B 313 -10.84 -19.38 20.90
CA MET B 313 -10.97 -18.40 19.85
C MET B 313 -10.82 -19.05 18.49
N GLN B 314 -9.81 -19.90 18.35
CA GLN B 314 -9.57 -20.63 17.11
C GLN B 314 -10.83 -21.39 16.72
N LYS B 315 -11.42 -22.07 17.69
CA LYS B 315 -12.61 -22.86 17.42
C LYS B 315 -13.79 -21.97 17.02
N GLU B 316 -14.06 -20.96 17.83
CA GLU B 316 -15.20 -20.06 17.60
C GLU B 316 -15.17 -19.38 16.24
N ILE B 317 -13.99 -18.91 15.85
CA ILE B 317 -13.82 -18.22 14.58
C ILE B 317 -13.93 -19.17 13.37
N THR B 318 -13.45 -20.40 13.53
CA THR B 318 -13.53 -21.35 12.44
C THR B 318 -15.00 -21.61 12.13
N ALA B 319 -15.84 -21.41 13.14
CA ALA B 319 -17.25 -21.73 13.00
C ALA B 319 -18.02 -20.56 12.38
N LEU B 320 -17.54 -19.35 12.62
CA LEU B 320 -18.20 -18.16 12.09
C LEU B 320 -17.81 -17.89 10.64
N ALA B 321 -16.58 -18.22 10.28
CA ALA B 321 -16.00 -17.88 8.99
C ALA B 321 -16.26 -18.94 7.92
N PRO B 322 -15.92 -18.61 6.65
CA PRO B 322 -15.91 -19.57 5.54
C PRO B 322 -15.06 -20.79 5.87
N SER B 323 -15.47 -21.94 5.32
CA SER B 323 -14.84 -23.22 5.61
C SER B 323 -13.46 -23.30 4.99
N THR B 324 -13.23 -22.47 3.98
CA THR B 324 -12.02 -22.55 3.19
C THR B 324 -10.89 -21.69 3.75
N MET B 325 -11.25 -20.69 4.55
CA MET B 325 -10.26 -19.77 5.10
C MET B 325 -9.41 -20.43 6.19
N LYS B 326 -8.11 -20.18 6.12
CA LYS B 326 -7.19 -20.63 7.14
C LYS B 326 -7.21 -19.60 8.27
N ILE B 327 -7.50 -20.07 9.48
CA ILE B 327 -7.53 -19.20 10.65
C ILE B 327 -6.23 -19.38 11.44
N LYS B 328 -5.83 -18.36 12.19
CA LYS B 328 -4.68 -18.49 13.05
C LYS B 328 -4.69 -17.48 14.20
N ILE B 329 -4.48 -17.99 15.41
CA ILE B 329 -4.42 -17.20 16.61
C ILE B 329 -2.97 -17.17 17.09
N ILE B 330 -2.46 -15.99 17.37
CA ILE B 330 -1.11 -15.88 17.91
C ILE B 330 -1.17 -15.34 19.34
N ALA B 331 -0.81 -16.17 20.31
CA ALA B 331 -0.84 -15.77 21.71
C ALA B 331 0.56 -15.72 22.30
N PRO B 332 1.27 -14.62 22.04
CA PRO B 332 2.61 -14.42 22.61
C PRO B 332 2.57 -14.60 24.12
N PRO B 333 3.50 -15.38 24.68
CA PRO B 333 3.56 -15.60 26.13
C PRO B 333 3.85 -14.28 26.85
N GLU B 334 4.28 -13.28 26.09
CA GLU B 334 4.62 -11.97 26.65
C GLU B 334 3.53 -10.94 26.37
N ARG B 335 2.34 -11.40 26.01
CA ARG B 335 1.32 -10.51 25.49
C ARG B 335 0.74 -9.59 26.56
N LYS B 336 0.98 -9.95 27.82
CA LYS B 336 0.64 -9.09 28.93
C LYS B 336 1.29 -7.73 28.71
N TYR B 337 2.48 -7.76 28.10
CA TYR B 337 3.30 -6.56 27.86
C TYR B 337 3.55 -6.27 26.38
N SER B 338 2.84 -6.96 25.49
CA SER B 338 3.00 -6.77 24.05
C SER B 338 3.08 -5.28 23.69
N VAL B 339 2.03 -4.54 24.04
CA VAL B 339 1.96 -3.13 23.69
C VAL B 339 3.26 -2.42 24.02
N TRP B 340 3.64 -2.45 25.29
CA TRP B 340 4.91 -1.82 25.70
C TRP B 340 6.10 -2.32 24.90
N ILE B 341 6.17 -3.63 24.70
CA ILE B 341 7.27 -4.23 23.94
C ILE B 341 7.21 -3.70 22.52
N GLY B 342 6.02 -3.70 21.94
CA GLY B 342 5.83 -3.17 20.61
C GLY B 342 6.46 -1.80 20.49
N GLY B 343 6.26 -0.98 21.53
CA GLY B 343 6.81 0.36 21.56
C GLY B 343 8.31 0.37 21.76
N SER B 344 8.77 -0.37 22.76
CA SER B 344 10.19 -0.57 22.98
C SER B 344 10.93 -0.86 21.68
N ILE B 345 10.40 -1.75 20.85
CA ILE B 345 10.99 -2.06 19.56
C ILE B 345 10.99 -0.85 18.64
N LEU B 346 9.79 -0.39 18.29
CA LEU B 346 9.66 0.76 17.40
C LEU B 346 10.72 1.80 17.70
N ALA B 347 10.60 2.41 18.87
CA ALA B 347 11.42 3.55 19.27
C ALA B 347 12.92 3.36 19.04
N SER B 348 13.36 2.12 18.97
CA SER B 348 14.79 1.85 18.87
C SER B 348 15.27 1.71 17.43
N LEU B 349 14.34 1.44 16.52
CA LEU B 349 14.64 1.26 15.10
C LEU B 349 15.12 2.55 14.45
N SER B 350 16.05 2.42 13.51
CA SER B 350 16.64 3.60 12.89
C SER B 350 15.78 4.26 11.80
N THR B 351 15.01 3.46 11.08
CA THR B 351 14.10 4.00 10.07
C THR B 351 12.97 4.78 10.73
N PHE B 352 12.95 4.74 12.07
CA PHE B 352 11.92 5.41 12.86
C PHE B 352 12.39 6.78 13.35
N GLN B 353 13.70 6.95 13.47
CA GLN B 353 14.25 8.16 14.06
C GLN B 353 13.85 9.46 13.35
N GLN B 354 13.33 9.35 12.14
CA GLN B 354 12.87 10.53 11.42
C GLN B 354 11.38 10.81 11.70
N MET B 355 10.72 9.88 12.38
CA MET B 355 9.29 9.95 12.66
C MET B 355 8.96 10.72 13.94
N TRP B 356 9.99 11.07 14.71
CA TRP B 356 9.80 11.79 15.96
C TRP B 356 9.23 13.20 15.72
N ILE B 357 8.38 13.65 16.63
CA ILE B 357 7.93 15.03 16.65
C ILE B 357 8.89 15.80 17.53
N THR B 358 9.56 16.79 16.93
CA THR B 358 10.52 17.59 17.68
C THR B 358 9.86 18.80 18.31
N LYS B 359 10.42 19.26 19.42
CA LYS B 359 9.93 20.45 20.11
C LYS B 359 9.91 21.61 19.12
N GLN B 360 10.92 21.66 18.26
CA GLN B 360 11.02 22.67 17.21
C GLN B 360 9.79 22.61 16.32
N GLU B 361 9.47 21.42 15.84
CA GLU B 361 8.34 21.26 14.93
C GLU B 361 7.06 21.75 15.59
N TYR B 362 6.93 21.46 16.88
CA TYR B 362 5.77 21.83 17.68
C TYR B 362 5.68 23.34 17.90
N ASP B 363 6.83 23.97 18.09
CA ASP B 363 6.90 25.41 18.34
C ASP B 363 6.51 26.22 17.11
N GLU B 364 6.71 25.64 15.93
CA GLU B 364 6.41 26.31 14.69
C GLU B 364 4.94 26.16 14.32
N ALA B 365 4.49 24.91 14.21
CA ALA B 365 3.13 24.62 13.77
C ALA B 365 2.08 24.74 14.88
N GLY B 366 2.29 23.99 15.95
CA GLY B 366 1.32 23.90 17.04
C GLY B 366 1.01 22.46 17.37
N PRO B 367 0.13 22.23 18.37
CA PRO B 367 -0.26 20.89 18.82
C PRO B 367 -0.78 20.00 17.67
N SER B 368 -1.24 20.62 16.59
CA SER B 368 -1.84 19.92 15.45
C SER B 368 -0.81 19.22 14.57
N ILE B 369 0.47 19.44 14.88
CA ILE B 369 1.56 18.84 14.13
C ILE B 369 1.75 17.38 14.51
N ALA C 1 6.65 22.92 -39.87
CA ALA C 1 7.08 24.30 -40.02
C ALA C 1 6.44 24.95 -41.24
N CYS C 2 6.48 24.24 -42.37
CA CYS C 2 5.89 24.74 -43.61
C CYS C 2 6.82 25.75 -44.29
N SER C 3 8.11 25.63 -44.02
CA SER C 3 9.10 26.53 -44.60
C SER C 3 10.42 25.80 -44.88
N GLY C 4 11.39 26.52 -45.41
CA GLY C 4 12.68 25.95 -45.74
C GLY C 4 13.44 25.51 -44.49
N ASN C 5 12.82 25.69 -43.34
CA ASN C 5 13.43 25.32 -42.10
C ASN C 5 13.22 23.83 -41.81
N LYS C 6 12.16 23.28 -42.39
CA LYS C 6 11.75 21.91 -42.13
C LYS C 6 12.74 20.91 -42.72
N ALA C 7 13.37 21.29 -43.83
CA ALA C 7 14.26 20.38 -44.54
C ALA C 7 15.57 20.14 -43.79
N ALA C 8 16.01 21.14 -43.04
CA ALA C 8 17.26 21.04 -42.29
C ALA C 8 17.05 20.24 -41.00
N LEU C 9 15.93 20.48 -40.33
CA LEU C 9 15.53 19.68 -39.20
C LEU C 9 15.53 18.21 -39.61
N LEU C 10 14.83 17.93 -40.70
CA LEU C 10 14.75 16.59 -41.26
C LEU C 10 16.12 15.99 -41.46
N ASP C 11 16.98 16.74 -42.16
CA ASP C 11 18.29 16.27 -42.51
C ASP C 11 19.08 16.00 -41.24
N GLN C 12 18.95 16.90 -40.28
CA GLN C 12 19.64 16.76 -39.00
C GLN C 12 19.25 15.46 -38.30
N ILE C 13 17.97 15.15 -38.31
CA ILE C 13 17.46 13.94 -37.68
C ILE C 13 18.13 12.70 -38.25
N ARG C 14 18.03 12.53 -39.56
CA ARG C 14 18.64 11.39 -40.24
C ARG C 14 20.11 11.26 -39.89
N GLU C 15 20.79 12.40 -39.77
CA GLU C 15 22.21 12.42 -39.43
C GLU C 15 22.50 11.52 -38.24
N GLY C 16 21.73 11.69 -37.17
CA GLY C 16 21.90 10.89 -35.97
C GLY C 16 22.36 11.71 -34.78
N ALA C 17 22.79 11.04 -33.73
CA ALA C 17 23.25 11.71 -32.52
C ALA C 17 23.17 10.78 -31.31
N GLN C 18 24.05 11.00 -30.34
CA GLN C 18 24.07 10.19 -29.13
C GLN C 18 23.12 10.74 -28.07
N LEU C 19 23.16 10.17 -26.88
CA LEU C 19 22.30 10.59 -25.78
C LEU C 19 23.08 10.26 -24.52
N LYS C 20 23.16 11.22 -23.60
CA LYS C 20 23.87 11.03 -22.35
C LYS C 20 23.54 9.64 -21.82
N LYS C 21 24.55 8.96 -21.29
CA LYS C 21 24.36 7.61 -20.75
C LYS C 21 23.88 7.66 -19.31
N VAL C 22 22.80 6.95 -19.02
CA VAL C 22 22.23 6.90 -17.68
C VAL C 22 22.36 5.51 -17.07
N GLY C 33 9.24 6.52 2.95
CA GLY C 33 9.94 6.24 4.16
C GLY C 33 9.21 5.17 4.98
N ARG C 34 7.91 5.09 4.76
CA ARG C 34 7.05 4.20 5.53
C ARG C 34 7.34 2.74 5.23
N ASP C 35 7.74 2.46 4.00
CA ASP C 35 7.95 1.07 3.56
C ASP C 35 9.18 0.44 4.20
N ALA C 36 10.18 1.26 4.49
CA ALA C 36 11.42 0.77 5.10
C ALA C 36 11.25 0.54 6.59
N LEU C 37 10.55 1.46 7.25
CA LEU C 37 10.16 1.28 8.63
C LEU C 37 9.45 -0.05 8.78
N LEU C 38 8.43 -0.24 7.94
CA LEU C 38 7.66 -1.47 7.90
C LEU C 38 8.55 -2.68 7.78
N ASP C 39 9.41 -2.65 6.78
CA ASP C 39 10.26 -3.77 6.48
C ASP C 39 11.16 -4.04 7.66
N GLN C 40 11.69 -2.98 8.25
CA GLN C 40 12.57 -3.09 9.41
C GLN C 40 11.87 -3.80 10.56
N ILE C 41 10.62 -3.43 10.80
CA ILE C 41 9.83 -4.04 11.87
C ILE C 41 9.75 -5.55 11.71
N ARG C 42 9.24 -5.99 10.56
CA ARG C 42 9.11 -7.42 10.28
C ARG C 42 10.44 -8.14 10.49
N GLN C 43 11.53 -7.48 10.11
CA GLN C 43 12.86 -8.06 10.26
C GLN C 43 13.05 -8.64 11.66
N GLY C 44 12.73 -7.85 12.68
CA GLY C 44 12.86 -8.28 14.06
C GLY C 44 13.87 -7.45 14.83
N ILE C 45 14.19 -7.87 16.05
CA ILE C 45 15.17 -7.15 16.84
C ILE C 45 15.42 -7.81 18.19
N GLN C 46 16.59 -7.58 18.75
CA GLN C 46 16.94 -8.08 20.08
C GLN C 46 16.67 -6.95 21.06
N LEU C 47 16.41 -7.31 22.31
CA LEU C 47 16.10 -6.32 23.34
C LEU C 47 16.86 -6.59 24.62
N LYS C 48 17.65 -5.61 25.05
CA LYS C 48 18.46 -5.74 26.27
C LYS C 48 17.66 -6.43 27.38
N LYS C 49 18.26 -7.47 27.97
CA LYS C 49 17.61 -8.19 29.06
C LYS C 49 17.60 -7.46 30.40
N VAL C 50 16.46 -7.54 31.09
CA VAL C 50 16.30 -6.95 32.42
C VAL C 50 16.00 -8.02 33.47
#